data_5FD5
#
_entry.id   5FD5
#
_cell.length_a   163.800
_cell.length_b   171.320
_cell.length_c   90.220
_cell.angle_alpha   90.00
_cell.angle_beta   90.00
_cell.angle_gamma   90.00
#
_symmetry.space_group_name_H-M   'C 2 2 2'
#
loop_
_entity.id
_entity.type
_entity.pdbx_description
1 polymer 'Ferric uptake regulation protein'
2 non-polymer 'SULFATE ION'
3 non-polymer 1,2-ETHANEDIOL
4 water water
#
_entity_poly.entity_id   1
_entity_poly.type   'polypeptide(L)'
_entity_poly.pdbx_seq_one_letter_code
;TDVAKTLEELATERGMRMTEQRRVIARILEDSEDHPDVEELYRRSVKVDAKISISTVYRTVKLFEDAGIIARHDFRDGRS
RYETVPEEHHDHLIDLKTGTVIEFRSPEIEALQERIAREHGFRLVDHRLELYGVPLKKEDL
;
_entity_poly.pdbx_strand_id   A,B,C,D,E
#
loop_
_chem_comp.id
_chem_comp.type
_chem_comp.name
_chem_comp.formula
EDO non-polymer 1,2-ETHANEDIOL 'C2 H6 O2'
SO4 non-polymer 'SULFATE ION' 'O4 S -2'
#
# COMPACT_ATOMS: atom_id res chain seq x y z
N THR A 1 -4.81 -1.73 30.11
CA THR A 1 -4.45 -1.63 28.67
C THR A 1 -3.43 -0.51 28.44
N ASP A 2 -2.48 -0.77 27.54
CA ASP A 2 -1.44 0.19 27.19
C ASP A 2 -2.01 1.36 26.41
N VAL A 3 -1.31 2.51 26.47
CA VAL A 3 -1.63 3.65 25.62
C VAL A 3 -1.08 3.35 24.22
N ALA A 4 -1.95 3.35 23.22
CA ALA A 4 -1.49 3.10 21.85
C ALA A 4 -0.59 4.24 21.38
N LYS A 5 0.44 3.90 20.61
CA LYS A 5 1.34 4.91 20.08
C LYS A 5 0.74 5.51 18.81
N THR A 6 0.67 6.83 18.74
CA THR A 6 0.11 7.48 17.57
C THR A 6 1.20 7.75 16.53
N LEU A 7 0.78 8.11 15.32
CA LEU A 7 1.70 8.44 14.25
C LEU A 7 2.57 9.66 14.61
N GLU A 8 1.98 10.69 15.21
CA GLU A 8 2.77 11.85 15.61
C GLU A 8 3.78 11.52 16.72
N GLU A 9 3.42 10.61 17.62
CA GLU A 9 4.36 10.16 18.67
C GLU A 9 5.52 9.36 18.09
N LEU A 10 5.22 8.50 17.11
CA LEU A 10 6.23 7.72 16.42
C LEU A 10 7.17 8.65 15.62
N ALA A 11 6.61 9.64 14.94
CA ALA A 11 7.40 10.65 14.23
C ALA A 11 8.38 11.37 15.17
N THR A 12 7.89 11.79 16.33
CA THR A 12 8.72 12.42 17.36
C THR A 12 9.84 11.48 17.80
N GLU A 13 9.47 10.24 18.11
CA GLU A 13 10.44 9.22 18.54
C GLU A 13 11.55 9.02 17.51
N ARG A 14 11.19 9.16 16.24
CA ARG A 14 12.16 8.96 15.16
C ARG A 14 12.89 10.23 14.73
N GLY A 15 12.85 11.25 15.60
CA GLY A 15 13.69 12.44 15.43
C GLY A 15 13.10 13.53 14.55
N MET A 16 11.83 13.37 14.19
CA MET A 16 11.18 14.37 13.35
C MET A 16 10.77 15.57 14.20
N ARG A 17 11.06 16.77 13.71
CA ARG A 17 10.62 17.98 14.39
C ARG A 17 9.14 18.18 14.13
N MET A 18 8.31 18.05 15.15
CA MET A 18 6.89 18.21 14.96
C MET A 18 6.46 19.64 15.25
N THR A 19 5.50 20.12 14.46
CA THR A 19 4.91 21.43 14.62
C THR A 19 3.43 21.11 14.68
N GLU A 20 2.58 22.07 15.06
CA GLU A 20 1.15 21.81 15.10
C GLU A 20 0.62 21.38 13.73
N GLN A 21 1.10 22.06 12.67
CA GLN A 21 0.68 21.69 11.31
C GLN A 21 1.06 20.26 10.95
N ARG A 22 2.26 19.85 11.33
CA ARG A 22 2.69 18.46 11.10
C ARG A 22 1.87 17.42 11.88
N ARG A 23 1.44 17.78 13.10
CA ARG A 23 0.56 16.92 13.91
C ARG A 23 -0.80 16.75 13.24
N VAL A 24 -1.36 17.85 12.73
CA VAL A 24 -2.62 17.79 11.97
C VAL A 24 -2.50 16.79 10.80
N ILE A 25 -1.42 16.92 10.02
CA ILE A 25 -1.18 16.05 8.87
C ILE A 25 -0.98 14.58 9.30
N ALA A 26 -0.23 14.36 10.39
CA ALA A 26 -0.05 13.01 10.95
C ALA A 26 -1.40 12.35 11.28
N ARG A 27 -2.27 13.12 11.92
CA ARG A 27 -3.56 12.60 12.37
C ARG A 27 -4.47 12.29 11.20
N ILE A 28 -4.46 13.17 10.21
CA ILE A 28 -5.22 12.95 8.96
C ILE A 28 -4.74 11.66 8.28
N LEU A 29 -3.42 11.48 8.22
CA LEU A 29 -2.85 10.28 7.61
C LEU A 29 -3.26 9.01 8.36
N GLU A 30 -3.08 9.02 9.68
CA GLU A 30 -3.43 7.87 10.52
C GLU A 30 -4.91 7.49 10.47
N ASP A 31 -5.79 8.50 10.39
CA ASP A 31 -7.25 8.27 10.37
C ASP A 31 -7.87 8.07 8.98
N SER A 32 -7.05 8.18 7.93
CA SER A 32 -7.53 8.02 6.56
CA SER A 32 -7.53 8.02 6.56
C SER A 32 -8.16 6.65 6.33
N GLU A 33 -9.34 6.65 5.71
CA GLU A 33 -10.05 5.41 5.39
C GLU A 33 -9.38 4.69 4.23
N ASP A 34 -8.98 5.47 3.24
CA ASP A 34 -8.35 4.95 2.04
C ASP A 34 -6.84 5.10 2.16
N HIS A 35 -6.12 4.65 1.13
CA HIS A 35 -4.72 4.96 0.98
C HIS A 35 -4.65 6.27 0.25
N PRO A 36 -4.33 7.37 0.97
CA PRO A 36 -4.54 8.68 0.39
C PRO A 36 -3.40 9.12 -0.54
N ASP A 37 -3.70 10.04 -1.44
CA ASP A 37 -2.64 10.79 -2.12
C ASP A 37 -2.46 12.11 -1.40
N VAL A 38 -1.47 12.87 -1.81
CA VAL A 38 -1.17 14.17 -1.23
C VAL A 38 -2.36 15.13 -1.36
N GLU A 39 -3.06 15.09 -2.49
CA GLU A 39 -4.26 15.93 -2.67
C GLU A 39 -5.28 15.75 -1.54
N GLU A 40 -5.66 14.51 -1.26
CA GLU A 40 -6.61 14.19 -0.19
C GLU A 40 -6.12 14.63 1.19
N LEU A 41 -4.83 14.39 1.46
CA LEU A 41 -4.20 14.82 2.72
C LEU A 41 -4.26 16.33 2.85
N TYR A 42 -4.02 17.03 1.74
CA TYR A 42 -4.13 18.48 1.77
C TYR A 42 -5.58 18.96 2.00
N ARG A 43 -6.51 18.44 1.19
CA ARG A 43 -7.93 18.85 1.28
C ARG A 43 -8.46 18.64 2.70
N ARG A 44 -8.12 17.52 3.31
CA ARG A 44 -8.56 17.20 4.67
C ARG A 44 -7.84 18.03 5.74
N SER A 45 -6.54 18.26 5.58
CA SER A 45 -5.78 19.03 6.58
C SER A 45 -6.20 20.50 6.61
N VAL A 46 -6.46 21.06 5.44
CA VAL A 46 -6.81 22.48 5.35
CA VAL A 46 -6.86 22.47 5.32
C VAL A 46 -8.19 22.74 6.01
N LYS A 47 -9.06 21.73 6.02
CA LYS A 47 -10.35 21.82 6.72
C LYS A 47 -10.15 21.85 8.25
N VAL A 48 -9.03 21.31 8.72
CA VAL A 48 -8.69 21.38 10.13
C VAL A 48 -7.98 22.70 10.46
N ASP A 49 -6.98 23.06 9.67
CA ASP A 49 -6.13 24.24 9.91
C ASP A 49 -5.95 24.95 8.56
N ALA A 50 -6.64 26.08 8.36
CA ALA A 50 -6.71 26.74 7.06
C ALA A 50 -5.38 27.30 6.57
N LYS A 51 -4.41 27.39 7.47
CA LYS A 51 -3.10 27.94 7.17
C LYS A 51 -2.16 26.89 6.55
N ILE A 52 -2.55 25.62 6.57
CA ILE A 52 -1.70 24.55 6.04
C ILE A 52 -1.63 24.65 4.51
N SER A 53 -0.41 24.73 3.97
CA SER A 53 -0.21 24.79 2.52
C SER A 53 0.04 23.41 1.89
N ILE A 54 -0.18 23.30 0.58
CA ILE A 54 0.11 22.06 -0.14
C ILE A 54 1.61 21.68 -0.04
N SER A 55 2.47 22.70 -0.08
CA SER A 55 3.92 22.53 0.05
C SER A 55 4.27 21.88 1.38
N THR A 56 3.64 22.38 2.44
CA THR A 56 3.80 21.80 3.77
C THR A 56 3.34 20.33 3.85
N VAL A 57 2.17 20.03 3.29
CA VAL A 57 1.67 18.64 3.27
C VAL A 57 2.69 17.75 2.55
N TYR A 58 3.13 18.17 1.36
CA TYR A 58 4.10 17.38 0.61
C TYR A 58 5.38 17.14 1.41
N ARG A 59 5.97 18.22 1.92
CA ARG A 59 7.20 18.15 2.70
C ARG A 59 7.04 17.20 3.89
N THR A 60 5.91 17.31 4.58
CA THR A 60 5.67 16.50 5.77
C THR A 60 5.56 15.01 5.42
N VAL A 61 4.80 14.71 4.37
CA VAL A 61 4.64 13.35 3.85
C VAL A 61 6.01 12.73 3.51
N LYS A 62 6.86 13.48 2.82
CA LYS A 62 8.21 12.98 2.49
C LYS A 62 9.02 12.66 3.75
N LEU A 63 8.89 13.51 4.77
CA LEU A 63 9.54 13.26 6.05
C LEU A 63 9.01 12.02 6.77
N PHE A 64 7.67 11.81 6.77
CA PHE A 64 7.13 10.57 7.33
C PHE A 64 7.67 9.34 6.56
N GLU A 65 7.72 9.45 5.24
CA GLU A 65 8.27 8.38 4.39
C GLU A 65 9.75 8.10 4.75
N ASP A 66 10.53 9.18 4.90
CA ASP A 66 11.93 9.09 5.30
C ASP A 66 12.08 8.33 6.61
N ALA A 67 11.12 8.52 7.52
CA ALA A 67 11.12 7.90 8.84
C ALA A 67 10.62 6.45 8.82
N GLY A 68 10.21 5.98 7.65
CA GLY A 68 9.70 4.61 7.48
C GLY A 68 8.37 4.39 8.18
N ILE A 69 7.58 5.45 8.30
CA ILE A 69 6.24 5.40 8.92
C ILE A 69 5.16 5.14 7.89
N ILE A 70 5.40 5.59 6.66
CA ILE A 70 4.51 5.31 5.55
C ILE A 70 5.33 4.82 4.37
N ALA A 71 4.67 4.09 3.47
CA ALA A 71 5.28 3.60 2.24
C ALA A 71 4.52 4.14 1.05
N ARG A 72 5.26 4.43 -0.02
CA ARG A 72 4.67 5.03 -1.20
C ARG A 72 4.40 3.97 -2.26
N HIS A 73 3.29 4.12 -2.95
CA HIS A 73 2.99 3.32 -4.12
C HIS A 73 2.85 4.22 -5.29
N ASP A 74 3.72 4.02 -6.29
CA ASP A 74 3.74 4.82 -7.50
C ASP A 74 2.95 4.17 -8.62
N PHE A 75 2.24 4.98 -9.38
CA PHE A 75 1.56 4.51 -10.57
C PHE A 75 2.38 4.91 -11.80
N ARG A 76 2.02 4.35 -12.95
CA ARG A 76 2.78 4.58 -14.19
C ARG A 76 2.82 6.06 -14.57
N ASP A 77 1.77 6.81 -14.24
CA ASP A 77 1.72 8.24 -14.58
C ASP A 77 2.45 9.17 -13.59
N GLY A 78 3.14 8.59 -12.61
CA GLY A 78 3.87 9.37 -11.60
C GLY A 78 3.10 9.73 -10.33
N ARG A 79 1.78 9.53 -10.31
CA ARG A 79 1.00 9.78 -9.10
C ARG A 79 1.27 8.73 -8.02
N SER A 80 1.07 9.10 -6.76
CA SER A 80 1.43 8.23 -5.64
C SER A 80 0.34 8.15 -4.59
N ARG A 81 0.21 6.98 -3.98
CA ARG A 81 -0.63 6.82 -2.79
C ARG A 81 0.19 6.23 -1.66
N TYR A 82 -0.27 6.48 -0.43
CA TYR A 82 0.52 6.16 0.74
C TYR A 82 -0.22 5.18 1.64
N GLU A 83 0.53 4.37 2.39
CA GLU A 83 -0.05 3.46 3.36
C GLU A 83 0.84 3.50 4.59
N THR A 84 0.25 3.40 5.77
CA THR A 84 1.04 3.34 7.00
C THR A 84 1.65 1.94 7.13
N VAL A 85 2.83 1.88 7.74
CA VAL A 85 3.49 0.60 8.00
C VAL A 85 2.92 -0.02 9.28
N PRO A 86 2.48 -1.29 9.21
CA PRO A 86 1.75 -1.85 10.33
C PRO A 86 2.63 -2.57 11.38
N GLU A 87 2.26 -2.43 12.65
CA GLU A 87 2.62 -3.39 13.68
C GLU A 87 1.43 -4.32 13.88
N GLU A 88 0.25 -3.81 13.56
CA GLU A 88 -0.95 -4.62 13.37
C GLU A 88 -0.74 -5.41 12.09
N HIS A 89 -0.84 -6.73 12.13
CA HIS A 89 -0.65 -7.53 10.92
C HIS A 89 -1.87 -8.29 10.44
N HIS A 90 -2.29 -9.28 11.22
CA HIS A 90 -3.59 -9.94 11.07
C HIS A 90 -3.84 -10.72 9.79
N ASP A 91 -5.11 -11.01 9.58
CA ASP A 91 -5.71 -11.40 8.31
C ASP A 91 -6.80 -10.39 8.06
N HIS A 92 -7.15 -10.16 6.79
CA HIS A 92 -8.15 -9.16 6.44
C HIS A 92 -9.27 -9.65 5.56
N LEU A 93 -10.47 -9.18 5.88
CA LEU A 93 -11.63 -9.30 5.01
C LEU A 93 -11.98 -7.92 4.45
N ILE A 94 -11.97 -7.82 3.12
CA ILE A 94 -12.24 -6.57 2.42
C ILE A 94 -13.70 -6.53 1.98
N ASP A 95 -14.43 -5.51 2.44
CA ASP A 95 -15.75 -5.20 1.93
C ASP A 95 -15.53 -4.45 0.61
N LEU A 96 -15.75 -5.14 -0.51
CA LEU A 96 -15.43 -4.60 -1.82
C LEU A 96 -16.31 -3.41 -2.16
N LYS A 97 -17.55 -3.43 -1.66
CA LYS A 97 -18.50 -2.35 -1.91
C LYS A 97 -18.09 -1.02 -1.26
N THR A 98 -17.29 -1.08 -0.20
CA THR A 98 -16.91 0.14 0.51
C THR A 98 -15.42 0.39 0.68
N GLY A 99 -14.59 -0.61 0.36
CA GLY A 99 -13.16 -0.52 0.64
C GLY A 99 -12.79 -0.69 2.11
N THR A 100 -13.69 -1.24 2.92
CA THR A 100 -13.41 -1.38 4.34
C THR A 100 -12.62 -2.65 4.63
N VAL A 101 -11.59 -2.51 5.45
CA VAL A 101 -10.79 -3.64 5.90
C VAL A 101 -11.31 -4.10 7.25
N ILE A 102 -11.73 -5.35 7.31
CA ILE A 102 -12.23 -5.95 8.54
C ILE A 102 -11.17 -6.94 9.01
N GLU A 103 -10.62 -6.71 10.20
CA GLU A 103 -9.64 -7.63 10.79
C GLU A 103 -10.33 -8.84 11.37
N PHE A 104 -9.67 -9.99 11.27
CA PHE A 104 -10.13 -11.22 11.91
C PHE A 104 -8.97 -12.14 12.22
N ARG A 105 -9.24 -13.12 13.09
CA ARG A 105 -8.28 -14.15 13.45
C ARG A 105 -9.04 -15.47 13.47
N SER A 106 -8.41 -16.54 13.00
CA SER A 106 -9.07 -17.83 12.96
C SER A 106 -8.11 -18.92 13.38
N PRO A 107 -8.22 -19.38 14.65
CA PRO A 107 -7.37 -20.49 15.12
C PRO A 107 -7.57 -21.74 14.27
N GLU A 108 -8.79 -21.99 13.84
CA GLU A 108 -9.08 -23.14 12.98
C GLU A 108 -8.32 -23.07 11.65
N ILE A 109 -8.30 -21.90 11.02
CA ILE A 109 -7.55 -21.74 9.78
C ILE A 109 -6.05 -21.87 10.02
N GLU A 110 -5.58 -21.30 11.13
CA GLU A 110 -4.17 -21.38 11.48
C GLU A 110 -3.72 -22.84 11.65
N ALA A 111 -4.55 -23.66 12.30
CA ALA A 111 -4.23 -25.07 12.47
C ALA A 111 -4.07 -25.79 11.13
N LEU A 112 -4.98 -25.51 10.19
CA LEU A 112 -4.90 -26.09 8.85
C LEU A 112 -3.70 -25.59 8.05
N GLN A 113 -3.34 -24.32 8.20
CA GLN A 113 -2.15 -23.77 7.53
C GLN A 113 -0.87 -24.45 8.00
N GLU A 114 -0.76 -24.65 9.31
CA GLU A 114 0.37 -25.37 9.90
C GLU A 114 0.45 -26.79 9.36
N ARG A 115 -0.71 -27.44 9.27
CA ARG A 115 -0.79 -28.79 8.73
C ARG A 115 -0.32 -28.84 7.26
N ILE A 116 -0.78 -27.90 6.44
CA ILE A 116 -0.34 -27.81 5.04
C ILE A 116 1.18 -27.63 4.96
N ALA A 117 1.70 -26.74 5.81
CA ALA A 117 3.15 -26.50 5.88
C ALA A 117 3.87 -27.79 6.27
N ARG A 118 3.44 -28.41 7.36
CA ARG A 118 4.00 -29.67 7.86
C ARG A 118 4.05 -30.76 6.79
N GLU A 119 2.92 -30.98 6.11
CA GLU A 119 2.84 -32.02 5.07
C GLU A 119 3.73 -31.76 3.85
N HIS A 120 4.17 -30.51 3.69
CA HIS A 120 5.16 -30.19 2.65
C HIS A 120 6.56 -30.16 3.21
N GLY A 121 6.70 -30.41 4.50
CA GLY A 121 8.02 -30.52 5.15
C GLY A 121 8.54 -29.23 5.76
N PHE A 122 7.62 -28.32 6.08
CA PHE A 122 7.99 -26.99 6.57
C PHE A 122 7.34 -26.68 7.90
N ARG A 123 8.03 -25.87 8.69
CA ARG A 123 7.42 -25.20 9.82
C ARG A 123 6.96 -23.81 9.37
N LEU A 124 5.72 -23.48 9.70
CA LEU A 124 5.13 -22.20 9.33
C LEU A 124 5.64 -21.08 10.23
N VAL A 125 6.17 -20.01 9.64
CA VAL A 125 6.65 -18.86 10.43
C VAL A 125 5.86 -17.58 10.19
N ASP A 126 5.07 -17.57 9.13
CA ASP A 126 4.26 -16.39 8.82
C ASP A 126 3.18 -16.76 7.82
N HIS A 127 2.17 -15.88 7.70
CA HIS A 127 1.13 -16.03 6.70
C HIS A 127 0.46 -14.70 6.42
N ARG A 128 -0.10 -14.59 5.21
CA ARG A 128 -0.90 -13.44 4.82
CA ARG A 128 -0.91 -13.45 4.83
C ARG A 128 -2.20 -13.97 4.22
N LEU A 129 -3.33 -13.58 4.80
CA LEU A 129 -4.62 -14.01 4.27
C LEU A 129 -5.52 -12.80 3.99
N GLU A 130 -5.92 -12.65 2.74
CA GLU A 130 -6.90 -11.64 2.36
C GLU A 130 -8.15 -12.33 1.82
N LEU A 131 -9.32 -11.94 2.33
CA LEU A 131 -10.60 -12.39 1.82
C LEU A 131 -11.28 -11.21 1.17
N TYR A 132 -11.95 -11.46 0.05
CA TYR A 132 -12.67 -10.41 -0.68
C TYR A 132 -14.15 -10.73 -0.67
N GLY A 133 -14.95 -9.82 -0.12
CA GLY A 133 -16.37 -10.04 0.07
C GLY A 133 -17.27 -9.03 -0.61
N VAL A 134 -18.46 -9.49 -1.00
CA VAL A 134 -19.55 -8.58 -1.35
C VAL A 134 -20.66 -8.79 -0.32
N PRO A 135 -21.50 -7.76 -0.08
CA PRO A 135 -22.54 -7.92 0.93
C PRO A 135 -23.40 -9.15 0.66
N LEU A 136 -23.78 -9.85 1.73
CA LEU A 136 -24.60 -11.05 1.59
C LEU A 136 -25.83 -10.70 0.77
N LYS A 137 -26.22 -11.61 -0.13
CA LYS A 137 -27.37 -11.38 -1.00
C LYS A 137 -28.63 -11.90 -0.34
N ASP B 2 -4.67 -9.25 20.13
CA ASP B 2 -6.15 -9.39 19.96
C ASP B 2 -6.72 -8.42 18.93
N VAL B 3 -7.71 -8.89 18.18
CA VAL B 3 -8.51 -8.01 17.32
C VAL B 3 -9.54 -7.28 18.20
N ALA B 4 -9.53 -5.95 18.14
CA ALA B 4 -10.49 -5.15 18.91
C ALA B 4 -11.87 -5.29 18.27
N LYS B 5 -12.92 -5.32 19.11
CA LYS B 5 -14.30 -5.42 18.62
C LYS B 5 -14.73 -4.11 17.97
N THR B 6 -15.22 -4.18 16.74
CA THR B 6 -15.74 -3.01 16.07
C THR B 6 -17.19 -2.76 16.51
N LEU B 7 -17.72 -1.58 16.20
CA LEU B 7 -19.11 -1.26 16.52
C LEU B 7 -20.06 -2.25 15.84
N GLU B 8 -19.82 -2.55 14.57
CA GLU B 8 -20.73 -3.47 13.87
C GLU B 8 -20.70 -4.88 14.47
N GLU B 9 -19.52 -5.33 14.92
CA GLU B 9 -19.40 -6.60 15.63
C GLU B 9 -20.14 -6.62 16.96
N LEU B 10 -20.05 -5.52 17.69
CA LEU B 10 -20.76 -5.37 18.94
C LEU B 10 -22.27 -5.38 18.74
N ALA B 11 -22.71 -4.70 17.69
CA ALA B 11 -24.13 -4.66 17.36
C ALA B 11 -24.69 -6.06 17.08
N THR B 12 -23.91 -6.85 16.32
CA THR B 12 -24.29 -8.22 16.01
C THR B 12 -24.41 -9.04 17.29
N GLU B 13 -23.38 -8.95 18.14
CA GLU B 13 -23.35 -9.67 19.42
C GLU B 13 -24.56 -9.34 20.29
N ARG B 14 -25.05 -8.11 20.16
CA ARG B 14 -26.13 -7.66 21.00
C ARG B 14 -27.50 -7.89 20.40
N GLY B 15 -27.55 -8.66 19.32
CA GLY B 15 -28.81 -9.09 18.73
C GLY B 15 -29.38 -8.22 17.64
N MET B 16 -28.63 -7.23 17.18
CA MET B 16 -29.12 -6.35 16.12
C MET B 16 -28.98 -7.01 14.76
N ARG B 17 -30.03 -6.90 13.95
CA ARG B 17 -30.01 -7.39 12.58
C ARG B 17 -29.18 -6.42 11.76
N MET B 18 -27.99 -6.85 11.35
CA MET B 18 -27.18 -5.95 10.57
C MET B 18 -27.46 -6.12 9.08
N THR B 19 -27.30 -5.04 8.32
CA THR B 19 -27.43 -5.01 6.88
C THR B 19 -26.20 -4.25 6.41
N GLU B 20 -25.92 -4.25 5.10
CA GLU B 20 -24.76 -3.52 4.61
C GLU B 20 -24.88 -2.03 4.93
N GLN B 21 -26.09 -1.49 4.81
CA GLN B 21 -26.30 -0.05 5.10
C GLN B 21 -26.03 0.27 6.57
N ARG B 22 -26.49 -0.59 7.47
CA ARG B 22 -26.21 -0.45 8.89
C ARG B 22 -24.74 -0.56 9.25
N ARG B 23 -24.01 -1.42 8.55
CA ARG B 23 -22.56 -1.53 8.71
C ARG B 23 -21.85 -0.26 8.27
N VAL B 24 -22.28 0.33 7.15
CA VAL B 24 -21.72 1.59 6.71
C VAL B 24 -21.88 2.66 7.80
N ILE B 25 -23.08 2.73 8.36
CA ILE B 25 -23.36 3.74 9.37
C ILE B 25 -22.53 3.49 10.63
N ALA B 26 -22.41 2.22 11.03
CA ALA B 26 -21.59 1.81 12.19
C ALA B 26 -20.14 2.28 12.01
N ARG B 27 -19.61 2.06 10.81
CA ARG B 27 -18.22 2.41 10.54
C ARG B 27 -18.00 3.90 10.58
N ILE B 28 -18.92 4.64 9.99
CA ILE B 28 -18.86 6.11 9.98
C ILE B 28 -18.90 6.61 11.44
N LEU B 29 -19.81 6.06 12.22
CA LEU B 29 -19.94 6.46 13.62
C LEU B 29 -18.65 6.19 14.39
N GLU B 30 -18.13 4.97 14.28
CA GLU B 30 -16.91 4.56 14.97
C GLU B 30 -15.70 5.40 14.57
N ASP B 31 -15.65 5.81 13.32
CA ASP B 31 -14.47 6.51 12.81
C ASP B 31 -14.58 8.02 12.92
N SER B 32 -15.70 8.51 13.44
CA SER B 32 -15.96 9.96 13.52
C SER B 32 -14.94 10.66 14.42
N GLU B 33 -14.34 11.74 13.91
CA GLU B 33 -13.41 12.56 14.69
C GLU B 33 -14.13 13.28 15.82
N ASP B 34 -15.30 13.83 15.53
CA ASP B 34 -16.12 14.48 16.54
C ASP B 34 -17.17 13.52 17.09
N HIS B 35 -17.94 13.97 18.06
CA HIS B 35 -19.11 13.22 18.50
C HIS B 35 -20.22 13.57 17.57
N PRO B 36 -20.62 12.63 16.73
CA PRO B 36 -21.48 12.98 15.58
C PRO B 36 -22.95 13.15 15.94
N ASP B 37 -23.67 13.91 15.10
CA ASP B 37 -25.12 13.95 15.14
C ASP B 37 -25.66 13.21 13.90
N VAL B 38 -26.97 13.08 13.80
CA VAL B 38 -27.55 12.29 12.70
C VAL B 38 -27.24 12.92 11.34
N GLU B 39 -27.27 14.26 11.27
CA GLU B 39 -27.01 14.96 10.00
C GLU B 39 -25.59 14.66 9.46
N GLU B 40 -24.61 14.64 10.35
CA GLU B 40 -23.22 14.29 9.95
C GLU B 40 -23.09 12.83 9.49
N LEU B 41 -23.73 11.93 10.22
CA LEU B 41 -23.68 10.50 9.89
C LEU B 41 -24.32 10.27 8.54
N TYR B 42 -25.42 10.97 8.29
CA TYR B 42 -26.10 10.89 7.00
C TYR B 42 -25.21 11.42 5.87
N ARG B 43 -24.70 12.65 6.01
CA ARG B 43 -23.83 13.24 5.01
C ARG B 43 -22.66 12.31 4.66
N ARG B 44 -22.03 11.74 5.68
CA ARG B 44 -20.86 10.90 5.46
C ARG B 44 -21.23 9.52 4.91
N SER B 45 -22.35 8.97 5.39
CA SER B 45 -22.82 7.64 4.92
C SER B 45 -23.26 7.64 3.45
N VAL B 46 -23.93 8.70 3.01
CA VAL B 46 -24.43 8.72 1.62
C VAL B 46 -23.33 8.86 0.60
N LYS B 47 -22.22 9.45 1.02
CA LYS B 47 -21.02 9.53 0.20
C LYS B 47 -20.42 8.15 -0.03
N VAL B 48 -20.64 7.22 0.90
CA VAL B 48 -20.18 5.84 0.75
C VAL B 48 -21.19 5.03 -0.09
N ASP B 49 -22.46 5.15 0.26
CA ASP B 49 -23.54 4.39 -0.37
C ASP B 49 -24.72 5.31 -0.63
N ALA B 50 -24.89 5.68 -1.91
CA ALA B 50 -25.93 6.63 -2.33
C ALA B 50 -27.36 6.24 -1.99
N LYS B 51 -27.59 4.95 -1.77
CA LYS B 51 -28.92 4.46 -1.45
C LYS B 51 -29.33 4.64 0.02
N ILE B 52 -28.41 5.04 0.88
CA ILE B 52 -28.75 5.17 2.30
C ILE B 52 -29.65 6.39 2.52
N SER B 53 -30.80 6.17 3.14
CA SER B 53 -31.73 7.28 3.43
C SER B 53 -31.51 7.89 4.82
N ILE B 54 -32.00 9.11 5.02
CA ILE B 54 -31.93 9.73 6.35
C ILE B 54 -32.75 8.92 7.37
N SER B 55 -33.87 8.34 6.92
CA SER B 55 -34.71 7.50 7.76
C SER B 55 -33.94 6.28 8.26
N THR B 56 -33.19 5.67 7.35
CA THR B 56 -32.33 4.54 7.73
C THR B 56 -31.26 4.93 8.75
N VAL B 57 -30.60 6.07 8.54
CA VAL B 57 -29.58 6.55 9.48
C VAL B 57 -30.22 6.73 10.87
N TYR B 58 -31.34 7.44 10.92
CA TYR B 58 -31.99 7.67 12.21
C TYR B 58 -32.37 6.37 12.91
N ARG B 59 -33.07 5.50 12.19
CA ARG B 59 -33.51 4.23 12.75
C ARG B 59 -32.31 3.42 13.25
N THR B 60 -31.23 3.42 12.49
CA THR B 60 -30.05 2.63 12.87
C THR B 60 -29.39 3.17 14.15
N VAL B 61 -29.25 4.50 14.22
CA VAL B 61 -28.69 5.16 15.41
C VAL B 61 -29.55 4.84 16.64
N LYS B 62 -30.87 4.88 16.49
CA LYS B 62 -31.75 4.55 17.62
C LYS B 62 -31.54 3.10 18.10
N LEU B 63 -31.35 2.18 17.16
CA LEU B 63 -31.06 0.80 17.55
C LEU B 63 -29.71 0.61 18.24
N PHE B 64 -28.68 1.33 17.77
CA PHE B 64 -27.39 1.32 18.45
C PHE B 64 -27.53 1.81 19.89
N GLU B 65 -28.33 2.88 20.06
CA GLU B 65 -28.63 3.43 21.39
C GLU B 65 -29.37 2.40 22.25
N ASP B 66 -30.38 1.73 21.69
CA ASP B 66 -31.12 0.70 22.45
C ASP B 66 -30.17 -0.40 22.92
N ALA B 67 -29.17 -0.71 22.09
CA ALA B 67 -28.22 -1.78 22.38
C ALA B 67 -27.11 -1.35 23.34
N GLY B 68 -27.14 -0.09 23.76
CA GLY B 68 -26.15 0.44 24.70
C GLY B 68 -24.77 0.59 24.07
N ILE B 69 -24.73 0.75 22.76
CA ILE B 69 -23.46 0.86 22.04
C ILE B 69 -23.00 2.32 21.89
N ILE B 70 -23.95 3.24 21.94
CA ILE B 70 -23.66 4.68 21.96
C ILE B 70 -24.56 5.30 23.02
N ALA B 71 -24.14 6.43 23.58
CA ALA B 71 -24.96 7.18 24.52
C ALA B 71 -25.30 8.52 23.91
N ARG B 72 -26.50 9.01 24.20
CA ARG B 72 -26.96 10.24 23.56
C ARG B 72 -26.75 11.41 24.49
N HIS B 73 -26.38 12.55 23.92
CA HIS B 73 -26.27 13.80 24.66
C HIS B 73 -27.23 14.78 24.05
N ASP B 74 -28.25 15.18 24.82
CA ASP B 74 -29.31 16.06 24.34
C ASP B 74 -29.02 17.49 24.68
N PHE B 75 -29.45 18.39 23.81
CA PHE B 75 -29.34 19.82 24.05
C PHE B 75 -30.75 20.37 24.27
N ARG B 76 -30.84 21.57 24.84
CA ARG B 76 -32.14 22.15 25.19
C ARG B 76 -33.03 22.32 23.98
N ASP B 77 -32.43 22.53 22.81
CA ASP B 77 -33.20 22.71 21.58
C ASP B 77 -33.70 21.41 20.91
N GLY B 78 -33.44 20.28 21.55
CA GLY B 78 -33.87 18.97 21.04
C GLY B 78 -32.91 18.25 20.10
N ARG B 79 -31.80 18.89 19.73
CA ARG B 79 -30.79 18.22 18.94
C ARG B 79 -29.90 17.35 19.83
N SER B 80 -29.24 16.36 19.22
CA SER B 80 -28.53 15.33 19.97
C SER B 80 -27.21 15.02 19.32
N ARG B 81 -26.21 14.70 20.14
CA ARG B 81 -24.97 14.13 19.64
C ARG B 81 -24.68 12.83 20.38
N TYR B 82 -23.91 11.95 19.73
CA TYR B 82 -23.68 10.60 20.24
C TYR B 82 -22.21 10.33 20.55
N GLU B 83 -21.97 9.42 21.49
CA GLU B 83 -20.61 9.02 21.82
C GLU B 83 -20.58 7.50 21.95
N THR B 84 -19.58 6.85 21.38
CA THR B 84 -19.44 5.40 21.56
C THR B 84 -19.04 5.14 23.01
N VAL B 85 -19.34 3.96 23.52
CA VAL B 85 -18.95 3.61 24.89
C VAL B 85 -17.49 3.16 24.92
N PRO B 86 -16.61 3.90 25.63
CA PRO B 86 -15.18 3.60 25.48
C PRO B 86 -14.76 2.30 26.16
N GLU B 87 -13.77 1.63 25.57
CA GLU B 87 -13.17 0.43 26.14
C GLU B 87 -12.07 0.82 27.13
N GLU B 88 -11.33 1.87 26.79
CA GLU B 88 -10.19 2.32 27.58
C GLU B 88 -10.47 3.64 28.31
N HIS B 89 -9.78 3.84 29.43
CA HIS B 89 -10.08 4.95 30.34
C HIS B 89 -8.86 5.73 30.74
N HIS B 90 -8.00 6.02 29.77
CA HIS B 90 -6.77 6.75 30.06
C HIS B 90 -7.04 8.22 30.28
N ASP B 91 -6.12 8.90 30.96
CA ASP B 91 -6.18 10.35 31.06
C ASP B 91 -6.03 10.96 29.67
N HIS B 92 -6.56 12.16 29.48
CA HIS B 92 -6.58 12.76 28.15
C HIS B 92 -6.01 14.13 28.14
N LEU B 93 -5.23 14.41 27.10
CA LEU B 93 -4.78 15.77 26.81
C LEU B 93 -5.50 16.19 25.54
N ILE B 94 -6.21 17.31 25.58
CA ILE B 94 -6.99 17.77 24.44
C ILE B 94 -6.26 18.89 23.71
N ASP B 95 -6.01 18.70 22.41
CA ASP B 95 -5.49 19.76 21.55
C ASP B 95 -6.68 20.67 21.26
N LEU B 96 -6.72 21.84 21.89
CA LEU B 96 -7.90 22.71 21.81
C LEU B 96 -8.14 23.24 20.43
N LYS B 97 -7.06 23.38 19.66
CA LYS B 97 -7.15 23.89 18.31
C LYS B 97 -7.86 22.93 17.34
N THR B 98 -7.80 21.64 17.62
CA THR B 98 -8.35 20.66 16.68
C THR B 98 -9.40 19.72 17.28
N GLY B 99 -9.53 19.74 18.61
CA GLY B 99 -10.37 18.76 19.28
C GLY B 99 -9.78 17.35 19.33
N THR B 100 -8.47 17.21 19.08
CA THR B 100 -7.83 15.87 19.13
C THR B 100 -7.60 15.40 20.58
N VAL B 101 -7.99 14.16 20.88
CA VAL B 101 -7.80 13.60 22.22
C VAL B 101 -6.50 12.81 22.21
N ILE B 102 -5.57 13.16 23.09
CA ILE B 102 -4.29 12.48 23.20
C ILE B 102 -4.24 11.70 24.51
N GLU B 103 -4.15 10.37 24.41
CA GLU B 103 -4.11 9.53 25.61
C GLU B 103 -2.74 9.58 26.25
N PHE B 104 -2.69 9.60 27.59
CA PHE B 104 -1.43 9.48 28.31
C PHE B 104 -1.63 8.76 29.64
N ARG B 105 -0.53 8.29 30.22
CA ARG B 105 -0.57 7.72 31.57
C ARG B 105 0.65 8.22 32.34
N SER B 106 0.47 8.55 33.61
CA SER B 106 1.56 9.06 34.41
C SER B 106 1.60 8.41 35.80
N PRO B 107 2.43 7.37 35.97
CA PRO B 107 2.57 6.78 37.31
C PRO B 107 2.97 7.80 38.38
N GLU B 108 3.78 8.80 38.00
CA GLU B 108 4.15 9.88 38.92
C GLU B 108 2.96 10.71 39.40
N ILE B 109 2.08 11.09 38.49
CA ILE B 109 0.89 11.83 38.91
C ILE B 109 0.02 10.92 39.78
N GLU B 110 -0.09 9.67 39.37
CA GLU B 110 -0.94 8.71 40.07
C GLU B 110 -0.49 8.50 41.51
N ALA B 111 0.84 8.50 41.73
CA ALA B 111 1.39 8.37 43.08
C ALA B 111 1.02 9.58 43.94
N LEU B 112 1.10 10.78 43.36
CA LEU B 112 0.76 12.00 44.07
C LEU B 112 -0.73 12.08 44.39
N GLN B 113 -1.57 11.64 43.44
CA GLN B 113 -3.03 11.57 43.65
C GLN B 113 -3.37 10.68 44.84
N GLU B 114 -2.68 9.55 44.94
CA GLU B 114 -2.93 8.60 46.02
C GLU B 114 -2.54 9.18 47.39
N ARG B 115 -1.46 9.95 47.42
CA ARG B 115 -1.05 10.64 48.65
C ARG B 115 -2.05 11.73 49.09
N ILE B 116 -2.57 12.51 48.13
CA ILE B 116 -3.59 13.52 48.42
C ILE B 116 -4.85 12.88 49.00
N ALA B 117 -5.28 11.78 48.41
CA ALA B 117 -6.43 11.06 48.90
C ALA B 117 -6.21 10.63 50.37
N ARG B 118 -5.06 9.97 50.60
CA ARG B 118 -4.65 9.43 51.89
C ARG B 118 -4.66 10.53 52.95
N GLU B 119 -4.04 11.67 52.63
CA GLU B 119 -4.02 12.82 53.54
C GLU B 119 -5.41 13.34 53.94
N HIS B 120 -6.42 13.10 53.10
CA HIS B 120 -7.80 13.52 53.40
C HIS B 120 -8.65 12.42 53.97
N GLY B 121 -8.07 11.23 54.15
CA GLY B 121 -8.74 10.08 54.76
C GLY B 121 -9.29 9.01 53.81
N PHE B 122 -8.72 8.93 52.61
CA PHE B 122 -9.28 8.11 51.54
C PHE B 122 -8.24 7.31 50.77
N ARG B 123 -8.67 6.14 50.31
CA ARG B 123 -7.95 5.35 49.36
C ARG B 123 -8.55 5.64 48.00
N LEU B 124 -7.71 5.93 47.01
CA LEU B 124 -8.15 6.23 45.65
C LEU B 124 -8.58 4.96 44.92
N VAL B 125 -9.79 4.94 44.35
CA VAL B 125 -10.22 3.82 43.51
C VAL B 125 -10.33 4.17 42.03
N ASP B 126 -10.40 5.47 41.72
CA ASP B 126 -10.45 5.89 40.33
C ASP B 126 -10.09 7.37 40.25
N HIS B 127 -9.90 7.87 39.04
CA HIS B 127 -9.70 9.30 38.84
C HIS B 127 -10.02 9.60 37.41
N ARG B 128 -10.32 10.87 37.13
CA ARG B 128 -10.45 11.37 35.77
CA ARG B 128 -10.42 11.33 35.76
C ARG B 128 -9.50 12.53 35.67
N LEU B 129 -8.70 12.64 34.60
CA LEU B 129 -7.84 13.80 34.43
C LEU B 129 -7.91 14.24 32.97
N GLU B 130 -8.32 15.49 32.75
CA GLU B 130 -8.28 16.08 31.43
C GLU B 130 -7.34 17.28 31.44
N LEU B 131 -6.45 17.33 30.46
CA LEU B 131 -5.56 18.46 30.29
C LEU B 131 -5.99 19.20 29.03
N TYR B 132 -6.04 20.54 29.08
CA TYR B 132 -6.47 21.31 27.91
C TYR B 132 -5.27 22.10 27.44
N GLY B 133 -4.80 21.80 26.23
CA GLY B 133 -3.56 22.36 25.74
C GLY B 133 -3.70 23.23 24.51
N VAL B 134 -2.82 24.23 24.41
CA VAL B 134 -2.68 25.00 23.17
C VAL B 134 -1.27 24.74 22.60
N PRO B 135 -1.10 24.82 21.28
CA PRO B 135 0.23 24.49 20.74
C PRO B 135 1.33 25.36 21.35
N LEU B 136 2.49 24.74 21.59
CA LEU B 136 3.66 25.51 22.02
C LEU B 136 4.03 26.46 20.89
N LYS B 137 4.48 27.66 21.23
CA LYS B 137 4.75 28.72 20.25
C LYS B 137 6.06 28.51 19.48
N VAL C 3 29.63 11.09 9.73
CA VAL C 3 29.52 9.60 9.83
C VAL C 3 28.15 9.14 9.29
N ALA C 4 28.18 8.36 8.21
CA ALA C 4 26.97 7.77 7.64
C ALA C 4 26.30 6.84 8.65
N LYS C 5 24.97 6.90 8.75
CA LYS C 5 24.23 6.06 9.70
C LYS C 5 23.87 4.72 9.05
N THR C 6 24.35 3.65 9.65
CA THR C 6 24.14 2.31 9.09
C THR C 6 22.82 1.71 9.56
N LEU C 7 22.41 0.63 8.90
CA LEU C 7 21.20 -0.09 9.26
CA LEU C 7 21.22 -0.11 9.25
C LEU C 7 21.23 -0.55 10.71
N GLU C 8 22.38 -1.08 11.16
CA GLU C 8 22.45 -1.55 12.55
C GLU C 8 22.40 -0.40 13.57
N GLU C 9 22.93 0.76 13.20
CA GLU C 9 22.82 1.96 14.02
C GLU C 9 21.38 2.45 14.14
N LEU C 10 20.70 2.49 12.99
CA LEU C 10 19.28 2.85 12.92
C LEU C 10 18.41 1.93 13.76
N ALA C 11 18.64 0.61 13.63
CA ALA C 11 17.92 -0.38 14.43
C ALA C 11 18.03 -0.13 15.94
N THR C 12 19.26 0.09 16.41
CA THR C 12 19.50 0.44 17.81
C THR C 12 18.81 1.75 18.20
N GLU C 13 18.88 2.76 17.32
CA GLU C 13 18.23 4.04 17.57
C GLU C 13 16.71 3.90 17.69
N ARG C 14 16.15 2.97 16.92
CA ARG C 14 14.70 2.73 16.88
C ARG C 14 14.23 1.75 17.97
N GLY C 15 15.12 1.39 18.88
CA GLY C 15 14.77 0.58 20.04
C GLY C 15 14.74 -0.93 19.81
N MET C 16 15.33 -1.38 18.71
CA MET C 16 15.39 -2.80 18.42
C MET C 16 16.53 -3.45 19.20
N ARG C 17 16.27 -4.62 19.79
CA ARG C 17 17.31 -5.38 20.48
C ARG C 17 18.24 -5.99 19.44
N MET C 18 19.51 -5.63 19.50
CA MET C 18 20.46 -6.16 18.54
C MET C 18 21.31 -7.26 19.15
N THR C 19 21.67 -8.23 18.32
CA THR C 19 22.58 -9.30 18.70
C THR C 19 23.61 -9.33 17.60
N GLU C 20 24.72 -10.03 17.80
CA GLU C 20 25.74 -10.14 16.75
C GLU C 20 25.12 -10.71 15.47
N GLN C 21 24.25 -11.71 15.60
CA GLN C 21 23.63 -12.30 14.42
C GLN C 21 22.79 -11.27 13.66
N ARG C 22 22.01 -10.50 14.39
CA ARG C 22 21.21 -9.44 13.78
C ARG C 22 22.08 -8.39 13.10
N ARG C 23 23.23 -8.08 13.68
CA ARG C 23 24.19 -7.15 13.08
C ARG C 23 24.73 -7.67 11.75
N VAL C 24 25.08 -8.96 11.70
CA VAL C 24 25.54 -9.59 10.47
C VAL C 24 24.51 -9.43 9.36
N ILE C 25 23.25 -9.73 9.71
CA ILE C 25 22.13 -9.67 8.76
C ILE C 25 21.92 -8.24 8.24
N ALA C 26 21.96 -7.26 9.14
CA ALA C 26 21.84 -5.83 8.77
C ALA C 26 22.92 -5.42 7.77
N ARG C 27 24.16 -5.83 8.06
CA ARG C 27 25.29 -5.47 7.18
C ARG C 27 25.14 -6.10 5.80
N ILE C 28 24.75 -7.38 5.76
CA ILE C 28 24.55 -8.09 4.50
C ILE C 28 23.50 -7.37 3.67
N LEU C 29 22.46 -6.97 4.38
CA LEU C 29 21.38 -6.29 3.72
C LEU C 29 21.76 -4.89 3.22
N GLU C 30 22.45 -4.06 4.00
CA GLU C 30 22.80 -2.75 3.47
C GLU C 30 23.88 -2.81 2.37
N ASP C 31 24.72 -3.85 2.41
CA ASP C 31 25.79 -4.04 1.42
C ASP C 31 25.34 -4.81 0.17
N SER C 32 24.09 -5.27 0.14
CA SER C 32 23.56 -6.05 -0.99
CA SER C 32 23.58 -6.06 -0.99
C SER C 32 23.63 -5.25 -2.30
N GLU C 33 24.09 -5.92 -3.36
CA GLU C 33 24.17 -5.31 -4.68
C GLU C 33 22.78 -5.14 -5.28
N ASP C 34 21.97 -6.18 -5.10
CA ASP C 34 20.61 -6.16 -5.61
C ASP C 34 19.64 -5.86 -4.48
N HIS C 35 18.34 -5.88 -4.79
CA HIS C 35 17.32 -5.85 -3.76
C HIS C 35 17.09 -7.29 -3.37
N PRO C 36 17.56 -7.68 -2.18
CA PRO C 36 17.63 -9.10 -1.83
C PRO C 36 16.31 -9.69 -1.37
N ASP C 37 16.15 -10.99 -1.57
CA ASP C 37 15.10 -11.74 -0.90
C ASP C 37 15.70 -12.43 0.34
N VAL C 38 14.85 -13.06 1.15
CA VAL C 38 15.32 -13.69 2.37
C VAL C 38 16.32 -14.82 2.10
N GLU C 39 16.16 -15.51 0.96
CA GLU C 39 17.06 -16.59 0.55
C GLU C 39 18.49 -16.09 0.40
N GLU C 40 18.63 -14.94 -0.25
CA GLU C 40 19.94 -14.35 -0.49
C GLU C 40 20.57 -13.88 0.81
N LEU C 41 19.77 -13.24 1.65
CA LEU C 41 20.23 -12.77 2.95
C LEU C 41 20.73 -13.91 3.82
N TYR C 42 20.00 -15.03 3.78
CA TYR C 42 20.38 -16.19 4.55
C TYR C 42 21.68 -16.79 4.01
N ARG C 43 21.77 -16.95 2.69
CA ARG C 43 22.91 -17.60 2.05
C ARG C 43 24.19 -16.81 2.27
N ARG C 44 24.07 -15.49 2.27
CA ARG C 44 25.22 -14.61 2.48
C ARG C 44 25.55 -14.49 3.96
N SER C 45 24.53 -14.51 4.81
CA SER C 45 24.73 -14.44 6.25
C SER C 45 25.43 -15.68 6.81
N VAL C 46 25.09 -16.86 6.29
CA VAL C 46 25.72 -18.09 6.79
C VAL C 46 27.18 -18.23 6.39
N LYS C 47 27.57 -17.61 5.28
CA LYS C 47 28.98 -17.54 4.90
C LYS C 47 29.78 -16.77 5.95
N VAL C 48 29.13 -15.81 6.60
CA VAL C 48 29.76 -15.00 7.63
C VAL C 48 29.75 -15.73 8.98
N ASP C 49 28.58 -16.24 9.37
CA ASP C 49 28.39 -16.89 10.65
C ASP C 49 27.51 -18.11 10.40
N ALA C 50 28.13 -19.29 10.47
CA ALA C 50 27.48 -20.56 10.16
C ALA C 50 26.31 -20.92 11.09
N LYS C 51 26.25 -20.29 12.26
CA LYS C 51 25.18 -20.56 13.22
C LYS C 51 23.85 -19.85 12.92
N ILE C 52 23.88 -18.91 11.97
CA ILE C 52 22.67 -18.16 11.60
C ILE C 52 21.65 -19.03 10.87
N SER C 53 20.45 -19.15 11.45
CA SER C 53 19.35 -19.92 10.87
C SER C 53 18.43 -19.10 9.97
N ILE C 54 17.77 -19.77 9.04
CA ILE C 54 16.79 -19.15 8.15
C ILE C 54 15.68 -18.44 8.95
N SER C 55 15.29 -19.03 10.09
CA SER C 55 14.27 -18.45 10.98
C SER C 55 14.73 -17.15 11.61
N THR C 56 16.00 -17.11 12.03
CA THR C 56 16.61 -15.89 12.55
C THR C 56 16.63 -14.79 11.49
N VAL C 57 17.02 -15.16 10.26
CA VAL C 57 17.03 -14.20 9.14
C VAL C 57 15.63 -13.61 8.93
N TYR C 58 14.62 -14.47 8.80
CA TYR C 58 13.24 -14.01 8.62
C TYR C 58 12.77 -13.11 9.75
N ARG C 59 12.94 -13.55 11.00
CA ARG C 59 12.53 -12.78 12.18
C ARG C 59 13.19 -11.40 12.21
N THR C 60 14.48 -11.36 11.88
CA THR C 60 15.25 -10.12 11.89
C THR C 60 14.76 -9.14 10.84
N VAL C 61 14.53 -9.65 9.64
CA VAL C 61 14.07 -8.85 8.50
C VAL C 61 12.69 -8.22 8.78
N LYS C 62 11.85 -8.96 9.50
CA LYS C 62 10.55 -8.46 9.93
C LYS C 62 10.68 -7.40 11.03
N LEU C 63 11.66 -7.55 11.92
CA LEU C 63 11.90 -6.54 12.94
C LEU C 63 12.46 -5.22 12.37
N PHE C 64 13.27 -5.33 11.30
CA PHE C 64 13.73 -4.15 10.54
C PHE C 64 12.54 -3.41 9.91
N GLU C 65 11.59 -4.15 9.36
CA GLU C 65 10.34 -3.58 8.86
C GLU C 65 9.59 -2.81 9.94
N ASP C 66 9.35 -3.47 11.08
CA ASP C 66 8.68 -2.82 12.22
C ASP C 66 9.40 -1.55 12.65
N ALA C 67 10.73 -1.55 12.50
CA ALA C 67 11.52 -0.38 12.86
C ALA C 67 11.48 0.69 11.77
N GLY C 68 10.95 0.33 10.61
CA GLY C 68 10.83 1.24 9.47
C GLY C 68 12.15 1.56 8.80
N ILE C 69 13.14 0.68 8.99
CA ILE C 69 14.46 0.91 8.43
C ILE C 69 14.68 0.24 7.08
N ILE C 70 13.78 -0.68 6.71
CA ILE C 70 13.73 -1.27 5.37
C ILE C 70 12.29 -1.32 4.84
N ALA C 71 12.14 -1.35 3.52
CA ALA C 71 10.83 -1.45 2.88
C ALA C 71 10.68 -2.76 2.10
N ARG C 72 9.49 -3.35 2.17
CA ARG C 72 9.21 -4.61 1.49
C ARG C 72 8.46 -4.41 0.18
N HIS C 73 8.87 -5.18 -0.84
CA HIS C 73 8.19 -5.19 -2.12
C HIS C 73 7.63 -6.56 -2.38
N ASP C 74 6.30 -6.65 -2.40
CA ASP C 74 5.62 -7.93 -2.54
C ASP C 74 5.29 -8.23 -3.99
N PHE C 75 5.43 -9.50 -4.37
CA PHE C 75 5.00 -9.96 -5.68
C PHE C 75 3.72 -10.78 -5.54
N ARG C 76 3.08 -11.05 -6.68
CA ARG C 76 1.77 -11.76 -6.73
C ARG C 76 1.82 -13.14 -6.11
N ASP C 77 2.93 -13.84 -6.29
CA ASP C 77 3.09 -15.20 -5.77
C ASP C 77 3.45 -15.24 -4.29
N GLY C 78 3.51 -14.08 -3.65
CA GLY C 78 3.78 -13.99 -2.22
C GLY C 78 5.22 -13.78 -1.82
N ARG C 79 6.15 -13.92 -2.77
CA ARG C 79 7.57 -13.67 -2.50
C ARG C 79 7.85 -12.17 -2.38
N SER C 80 8.91 -11.81 -1.66
CA SER C 80 9.21 -10.42 -1.38
C SER C 80 10.69 -10.07 -1.59
N ARG C 81 10.95 -8.83 -1.94
CA ARG C 81 12.31 -8.30 -1.97
C ARG C 81 12.36 -7.00 -1.20
N TYR C 82 13.55 -6.68 -0.70
CA TYR C 82 13.71 -5.63 0.27
C TYR C 82 14.63 -4.52 -0.22
N GLU C 83 14.47 -3.34 0.35
CA GLU C 83 15.29 -2.19 0.02
C GLU C 83 15.44 -1.35 1.28
N THR C 84 16.58 -0.68 1.43
CA THR C 84 16.78 0.17 2.59
C THR C 84 16.05 1.47 2.31
N VAL C 85 15.61 2.15 3.36
CA VAL C 85 14.93 3.44 3.21
C VAL C 85 15.98 4.53 3.04
N PRO C 86 16.08 5.10 1.82
CA PRO C 86 17.23 5.94 1.50
C PRO C 86 17.20 7.29 2.17
N GLU C 87 18.38 7.76 2.59
CA GLU C 87 18.54 9.06 3.22
C GLU C 87 18.72 10.15 2.16
N GLU C 88 19.23 9.75 0.99
CA GLU C 88 19.46 10.67 -0.13
C GLU C 88 18.74 10.24 -1.40
N HIS C 89 18.37 11.22 -2.22
CA HIS C 89 17.51 10.99 -3.38
C HIS C 89 18.04 11.67 -4.61
N HIS C 90 19.07 11.08 -5.22
CA HIS C 90 19.63 11.62 -6.45
C HIS C 90 18.97 11.01 -7.65
N ASP C 91 19.14 11.64 -8.81
CA ASP C 91 18.78 11.06 -10.10
C ASP C 91 19.63 9.81 -10.35
N HIS C 92 19.09 8.86 -11.11
CA HIS C 92 19.79 7.59 -11.37
C HIS C 92 19.93 7.24 -12.83
N LEU C 93 21.11 6.75 -13.20
CA LEU C 93 21.33 6.12 -14.51
C LEU C 93 21.55 4.64 -14.26
N ILE C 94 20.78 3.81 -14.95
CA ILE C 94 20.82 2.38 -14.73
C ILE C 94 21.58 1.70 -15.86
N ASP C 95 22.66 1.01 -15.50
CA ASP C 95 23.35 0.12 -16.43
C ASP C 95 22.51 -1.15 -16.53
N LEU C 96 21.76 -1.28 -17.61
CA LEU C 96 20.84 -2.42 -17.78
C LEU C 96 21.55 -3.78 -17.83
N LYS C 97 22.76 -3.78 -18.38
CA LYS C 97 23.54 -5.01 -18.52
C LYS C 97 23.97 -5.61 -17.16
N THR C 98 24.15 -4.77 -16.14
CA THR C 98 24.64 -5.25 -14.85
C THR C 98 23.70 -4.95 -13.69
N GLY C 99 22.65 -4.20 -13.95
CA GLY C 99 21.75 -3.73 -12.89
C GLY C 99 22.42 -2.80 -11.89
N THR C 100 23.37 -1.99 -12.37
CA THR C 100 24.07 -1.03 -11.50
C THR C 100 23.36 0.31 -11.54
N VAL C 101 23.20 0.93 -10.37
CA VAL C 101 22.69 2.29 -10.26
C VAL C 101 23.85 3.27 -10.26
N ILE C 102 23.80 4.24 -11.17
CA ILE C 102 24.78 5.34 -11.21
C ILE C 102 24.10 6.65 -10.84
N GLU C 103 24.47 7.21 -9.69
CA GLU C 103 23.96 8.52 -9.25
C GLU C 103 24.54 9.64 -10.12
N PHE C 104 23.72 10.65 -10.39
CA PHE C 104 24.20 11.87 -11.02
C PHE C 104 23.35 13.06 -10.61
N ARG C 105 23.84 14.26 -10.90
CA ARG C 105 23.06 15.47 -10.73
C ARG C 105 23.32 16.38 -11.92
N SER C 106 22.27 17.07 -12.35
CA SER C 106 22.36 17.94 -13.51
C SER C 106 21.69 19.29 -13.22
N PRO C 107 22.49 20.30 -12.82
CA PRO C 107 21.96 21.65 -12.64
C PRO C 107 21.26 22.16 -13.89
N GLU C 108 21.77 21.80 -15.07
CA GLU C 108 21.14 22.22 -16.33
C GLU C 108 19.77 21.59 -16.58
N ILE C 109 19.64 20.29 -16.31
CA ILE C 109 18.33 19.64 -16.37
C ILE C 109 17.39 20.23 -15.30
N GLU C 110 17.89 20.38 -14.07
CA GLU C 110 17.09 20.94 -12.98
C GLU C 110 16.54 22.34 -13.31
N ALA C 111 17.35 23.17 -13.97
CA ALA C 111 16.91 24.49 -14.42
C ALA C 111 15.80 24.39 -15.47
N LEU C 112 15.95 23.47 -16.41
CA LEU C 112 14.92 23.22 -17.43
C LEU C 112 13.61 22.70 -16.85
N GLN C 113 13.71 21.77 -15.90
CA GLN C 113 12.54 21.24 -15.18
C GLN C 113 11.75 22.37 -14.52
N GLU C 114 12.47 23.29 -13.86
CA GLU C 114 11.85 24.43 -13.20
C GLU C 114 11.11 25.34 -14.18
N ARG C 115 11.72 25.61 -15.33
CA ARG C 115 11.12 26.43 -16.38
C ARG C 115 9.84 25.79 -16.91
N ILE C 116 9.90 24.49 -17.18
CA ILE C 116 8.73 23.74 -17.65
C ILE C 116 7.59 23.80 -16.63
N ALA C 117 7.92 23.59 -15.36
CA ALA C 117 6.93 23.70 -14.30
C ALA C 117 6.28 25.08 -14.31
N ARG C 118 7.12 26.13 -14.35
CA ARG C 118 6.66 27.52 -14.27
C ARG C 118 5.74 27.87 -15.44
N GLU C 119 6.12 27.45 -16.65
CA GLU C 119 5.33 27.72 -17.85
C GLU C 119 3.93 27.09 -17.76
N HIS C 120 3.81 26.05 -16.93
CA HIS C 120 2.51 25.43 -16.70
C HIS C 120 1.79 26.00 -15.50
N GLY C 121 2.46 26.90 -14.78
CA GLY C 121 1.85 27.60 -13.65
C GLY C 121 2.20 27.00 -12.30
N PHE C 122 3.29 26.23 -12.27
CA PHE C 122 3.72 25.52 -11.06
C PHE C 122 5.13 25.84 -10.58
N ARG C 123 5.32 25.81 -9.27
CA ARG C 123 6.63 25.80 -8.67
C ARG C 123 6.99 24.34 -8.41
N LEU C 124 8.17 23.93 -8.87
CA LEU C 124 8.64 22.57 -8.69
C LEU C 124 9.08 22.31 -7.25
N VAL C 125 8.50 21.28 -6.62
CA VAL C 125 8.93 20.92 -5.26
C VAL C 125 9.71 19.61 -5.19
N ASP C 126 9.64 18.82 -6.25
CA ASP C 126 10.35 17.55 -6.30
C ASP C 126 10.42 17.05 -7.73
N HIS C 127 11.27 16.06 -7.97
CA HIS C 127 11.30 15.37 -9.25
C HIS C 127 11.88 14.00 -9.05
N ARG C 128 11.63 13.13 -10.02
CA ARG C 128 12.20 11.80 -10.08
C ARG C 128 12.67 11.57 -11.51
N LEU C 129 13.97 11.35 -11.69
CA LEU C 129 14.53 11.08 -13.02
C LEU C 129 15.31 9.77 -13.02
N GLU C 130 14.90 8.85 -13.89
CA GLU C 130 15.62 7.59 -14.10
C GLU C 130 16.02 7.48 -15.56
N LEU C 131 17.27 7.12 -15.80
CA LEU C 131 17.76 6.90 -17.15
C LEU C 131 18.15 5.43 -17.28
N TYR C 132 17.81 4.83 -18.42
CA TYR C 132 18.10 3.43 -18.68
C TYR C 132 19.06 3.31 -19.85
N GLY C 133 20.26 2.80 -19.57
CA GLY C 133 21.33 2.77 -20.54
C GLY C 133 21.86 1.39 -20.87
N VAL C 134 22.36 1.24 -22.09
CA VAL C 134 23.12 0.07 -22.51
C VAL C 134 24.53 0.53 -22.87
N PRO C 135 25.55 -0.34 -22.69
CA PRO C 135 26.93 0.10 -22.97
C PRO C 135 27.11 0.59 -24.41
N LEU C 136 27.83 1.68 -24.60
CA LEU C 136 28.19 2.16 -25.94
C LEU C 136 28.96 1.07 -26.70
N LYS C 137 28.79 1.02 -28.02
CA LYS C 137 29.37 -0.04 -28.85
C LYS C 137 30.87 -0.24 -28.61
N ALA D 4 -3.10 -21.79 -18.64
CA ALA D 4 -1.85 -22.59 -18.83
C ALA D 4 -1.28 -22.45 -20.24
N LYS D 5 -1.20 -21.21 -20.72
CA LYS D 5 -0.57 -20.92 -22.00
C LYS D 5 0.86 -20.43 -21.81
N THR D 6 1.71 -20.71 -22.79
CA THR D 6 3.08 -20.19 -22.80
C THR D 6 3.09 -18.68 -23.01
N LEU D 7 4.21 -18.04 -22.69
CA LEU D 7 4.33 -16.59 -22.84
C LEU D 7 4.32 -16.14 -24.31
N GLU D 8 4.94 -16.93 -25.18
CA GLU D 8 4.96 -16.60 -26.61
C GLU D 8 3.56 -16.70 -27.23
N GLU D 9 2.78 -17.68 -26.79
CA GLU D 9 1.40 -17.83 -27.23
C GLU D 9 0.58 -16.61 -26.83
N LEU D 10 0.68 -16.20 -25.57
CA LEU D 10 -0.02 -15.02 -25.07
C LEU D 10 0.35 -13.77 -25.87
N ALA D 11 1.63 -13.65 -26.18
CA ALA D 11 2.15 -12.55 -26.97
C ALA D 11 1.56 -12.53 -28.37
N THR D 12 1.67 -13.66 -29.07
CA THR D 12 1.10 -13.83 -30.41
C THR D 12 -0.38 -13.48 -30.43
N GLU D 13 -1.12 -13.99 -29.45
CA GLU D 13 -2.55 -13.74 -29.32
C GLU D 13 -2.90 -12.27 -29.12
N ARG D 14 -2.03 -11.55 -28.42
CA ARG D 14 -2.28 -10.14 -28.08
C ARG D 14 -1.69 -9.17 -29.10
N GLY D 15 -1.33 -9.69 -30.28
CA GLY D 15 -0.92 -8.87 -31.42
C GLY D 15 0.53 -8.45 -31.39
N MET D 16 1.42 -9.38 -31.05
CA MET D 16 2.85 -9.09 -30.95
C MET D 16 3.67 -9.90 -31.95
N ARG D 17 4.45 -9.19 -32.76
CA ARG D 17 5.35 -9.79 -33.74
C ARG D 17 6.43 -10.62 -33.04
N MET D 18 6.51 -11.90 -33.42
CA MET D 18 7.46 -12.83 -32.83
C MET D 18 8.62 -13.16 -33.77
N THR D 19 9.74 -13.57 -33.17
CA THR D 19 10.94 -13.97 -33.90
C THR D 19 11.78 -14.92 -33.05
N GLU D 20 12.78 -15.54 -33.67
CA GLU D 20 13.66 -16.50 -33.00
C GLU D 20 14.22 -15.96 -31.68
N GLN D 21 14.65 -14.70 -31.68
CA GLN D 21 15.24 -14.07 -30.50
C GLN D 21 14.20 -13.71 -29.43
N ARG D 22 13.03 -13.23 -29.85
CA ARG D 22 11.97 -12.88 -28.92
C ARG D 22 11.36 -14.09 -28.22
N ARG D 23 11.43 -15.24 -28.89
CA ARG D 23 10.90 -16.49 -28.34
C ARG D 23 11.83 -17.08 -27.29
N VAL D 24 13.14 -16.95 -27.53
CA VAL D 24 14.16 -17.32 -26.55
C VAL D 24 13.95 -16.54 -25.26
N ILE D 25 13.82 -15.21 -25.40
CA ILE D 25 13.59 -14.31 -24.27
C ILE D 25 12.32 -14.71 -23.50
N ALA D 26 11.24 -15.00 -24.23
CA ALA D 26 9.97 -15.47 -23.63
C ALA D 26 10.15 -16.74 -22.79
N ARG D 27 10.89 -17.71 -23.34
CA ARG D 27 11.16 -18.98 -22.65
C ARG D 27 12.00 -18.79 -21.39
N ILE D 28 13.07 -17.98 -21.50
CA ILE D 28 13.91 -17.65 -20.34
C ILE D 28 13.04 -17.05 -19.26
N LEU D 29 12.17 -16.15 -19.71
CA LEU D 29 11.32 -15.40 -18.80
C LEU D 29 10.24 -16.33 -18.22
N GLU D 30 9.71 -17.28 -19.01
CA GLU D 30 8.77 -18.28 -18.50
C GLU D 30 9.45 -19.22 -17.50
N ASP D 31 10.68 -19.64 -17.83
CA ASP D 31 11.42 -20.62 -17.03
C ASP D 31 12.11 -20.07 -15.78
N SER D 32 12.15 -18.75 -15.64
CA SER D 32 12.85 -18.11 -14.52
C SER D 32 12.34 -18.58 -13.16
N GLU D 33 13.26 -19.07 -12.33
CA GLU D 33 12.94 -19.49 -10.96
C GLU D 33 12.50 -18.28 -10.14
N ASP D 34 13.18 -17.16 -10.38
CA ASP D 34 12.99 -15.93 -9.65
C ASP D 34 12.14 -14.93 -10.44
N HIS D 35 11.94 -13.75 -9.85
CA HIS D 35 11.43 -12.59 -10.55
C HIS D 35 12.62 -11.83 -11.06
N PRO D 36 12.92 -11.97 -12.36
CA PRO D 36 14.20 -11.50 -12.91
C PRO D 36 14.21 -10.01 -13.25
N ASP D 37 15.42 -9.45 -13.27
CA ASP D 37 15.63 -8.12 -13.86
C ASP D 37 16.17 -8.31 -15.26
N VAL D 38 16.41 -7.21 -15.96
CA VAL D 38 16.86 -7.28 -17.35
C VAL D 38 18.28 -7.88 -17.46
N GLU D 39 19.13 -7.62 -16.47
CA GLU D 39 20.48 -8.17 -16.47
C GLU D 39 20.50 -9.70 -16.42
N GLU D 40 19.63 -10.28 -15.59
CA GLU D 40 19.50 -11.74 -15.52
C GLU D 40 18.93 -12.31 -16.81
N LEU D 41 17.90 -11.65 -17.34
CA LEU D 41 17.27 -12.07 -18.59
C LEU D 41 18.27 -12.10 -19.75
N TYR D 42 19.11 -11.08 -19.85
CA TYR D 42 20.15 -11.01 -20.88
C TYR D 42 21.21 -12.10 -20.71
N ARG D 43 21.69 -12.29 -19.49
CA ARG D 43 22.75 -13.25 -19.18
C ARG D 43 22.34 -14.68 -19.53
N ARG D 44 21.08 -15.01 -19.26
CA ARG D 44 20.54 -16.34 -19.56
C ARG D 44 20.27 -16.51 -21.05
N SER D 45 19.76 -15.46 -21.68
CA SER D 45 19.46 -15.47 -23.12
C SER D 45 20.71 -15.59 -23.99
N VAL D 46 21.82 -14.98 -23.57
CA VAL D 46 23.07 -15.07 -24.36
C VAL D 46 23.76 -16.44 -24.24
N LYS D 47 23.42 -17.19 -23.20
CA LYS D 47 23.87 -18.58 -23.08
C LYS D 47 23.18 -19.44 -24.15
N VAL D 48 21.92 -19.12 -24.43
CA VAL D 48 21.15 -19.81 -25.46
C VAL D 48 21.54 -19.30 -26.85
N ASP D 49 21.26 -18.02 -27.11
CA ASP D 49 21.62 -17.39 -28.37
C ASP D 49 22.64 -16.28 -28.11
N ALA D 50 23.88 -16.53 -28.52
CA ALA D 50 25.00 -15.63 -28.29
C ALA D 50 24.91 -14.30 -29.05
N LYS D 51 23.96 -14.23 -29.98
CA LYS D 51 23.77 -13.04 -30.82
C LYS D 51 22.83 -11.99 -30.22
N ILE D 52 22.03 -12.37 -29.22
CA ILE D 52 21.05 -11.48 -28.59
C ILE D 52 21.76 -10.34 -27.84
N SER D 53 21.36 -9.10 -28.13
CA SER D 53 21.93 -7.93 -27.49
C SER D 53 21.10 -7.51 -26.28
N ILE D 54 21.70 -6.71 -25.39
CA ILE D 54 21.00 -6.17 -24.24
C ILE D 54 19.83 -5.26 -24.66
N SER D 55 20.00 -4.54 -25.77
CA SER D 55 18.95 -3.69 -26.35
C SER D 55 17.73 -4.49 -26.76
N THR D 56 17.96 -5.65 -27.39
CA THR D 56 16.90 -6.57 -27.79
C THR D 56 16.13 -7.09 -26.57
N VAL D 57 16.86 -7.54 -25.55
CA VAL D 57 16.24 -8.00 -24.31
C VAL D 57 15.34 -6.90 -23.74
N TYR D 58 15.89 -5.70 -23.58
CA TYR D 58 15.11 -4.59 -23.02
C TYR D 58 13.85 -4.29 -23.83
N ARG D 59 14.00 -4.24 -25.15
CA ARG D 59 12.91 -3.91 -26.06
C ARG D 59 11.77 -4.93 -25.97
N THR D 60 12.15 -6.20 -25.93
CA THR D 60 11.20 -7.31 -25.86
C THR D 60 10.45 -7.32 -24.53
N VAL D 61 11.18 -7.16 -23.43
CA VAL D 61 10.59 -7.03 -22.10
C VAL D 61 9.54 -5.90 -22.04
N LYS D 62 9.86 -4.74 -22.62
CA LYS D 62 8.91 -3.62 -22.63
C LYS D 62 7.62 -3.93 -23.39
N LEU D 63 7.76 -4.65 -24.51
CA LEU D 63 6.61 -5.09 -25.30
C LEU D 63 5.72 -6.08 -24.54
N PHE D 64 6.33 -6.99 -23.78
CA PHE D 64 5.57 -7.93 -22.96
C PHE D 64 4.79 -7.20 -21.87
N GLU D 65 5.39 -6.12 -21.36
CA GLU D 65 4.76 -5.29 -20.35
C GLU D 65 3.57 -4.54 -20.96
N ASP D 66 3.78 -4.01 -22.17
CA ASP D 66 2.74 -3.32 -22.95
C ASP D 66 1.51 -4.19 -23.15
N ALA D 67 1.75 -5.49 -23.34
CA ALA D 67 0.71 -6.47 -23.60
C ALA D 67 0.04 -6.99 -22.32
N GLY D 68 0.54 -6.53 -21.17
CA GLY D 68 0.02 -6.96 -19.87
C GLY D 68 0.31 -8.42 -19.51
N ILE D 69 1.34 -8.99 -20.14
CA ILE D 69 1.78 -10.36 -19.85
C ILE D 69 2.65 -10.39 -18.60
N ILE D 70 3.45 -9.34 -18.42
CA ILE D 70 4.33 -9.20 -17.28
C ILE D 70 4.06 -7.87 -16.57
N ALA D 71 4.32 -7.84 -15.27
CA ALA D 71 4.17 -6.62 -14.49
C ALA D 71 5.53 -6.20 -13.96
N ARG D 72 5.79 -4.90 -14.02
CA ARG D 72 7.04 -4.33 -13.55
C ARG D 72 6.91 -3.90 -12.11
N HIS D 73 7.90 -4.26 -11.29
CA HIS D 73 7.98 -3.74 -9.93
C HIS D 73 9.18 -2.85 -9.82
N ASP D 74 8.93 -1.56 -9.60
CA ASP D 74 9.99 -0.57 -9.47
C ASP D 74 10.43 -0.41 -8.02
N PHE D 75 11.72 -0.20 -7.83
CA PHE D 75 12.25 0.10 -6.51
C PHE D 75 12.60 1.59 -6.44
N ARG D 76 12.73 2.14 -5.23
CA ARG D 76 13.07 3.57 -5.05
C ARG D 76 14.23 4.00 -5.95
N ASP D 77 15.24 3.14 -6.10
CA ASP D 77 16.43 3.47 -6.90
C ASP D 77 16.23 3.36 -8.42
N GLY D 78 15.04 2.94 -8.84
CA GLY D 78 14.69 2.94 -10.26
C GLY D 78 14.99 1.63 -10.98
N ARG D 79 15.54 0.65 -10.26
CA ARG D 79 15.72 -0.67 -10.86
C ARG D 79 14.41 -1.43 -10.83
N SER D 80 14.27 -2.45 -11.68
CA SER D 80 13.00 -3.13 -11.88
C SER D 80 13.13 -4.64 -11.91
N ARG D 81 12.13 -5.32 -11.34
CA ARG D 81 11.99 -6.77 -11.51
C ARG D 81 10.62 -7.11 -12.07
N TYR D 82 10.53 -8.23 -12.76
CA TYR D 82 9.32 -8.60 -13.48
C TYR D 82 8.68 -9.89 -12.94
N GLU D 83 7.36 -9.97 -13.06
CA GLU D 83 6.60 -11.20 -12.75
C GLU D 83 5.58 -11.42 -13.86
N THR D 84 5.26 -12.68 -14.14
CA THR D 84 4.18 -12.99 -15.06
C THR D 84 2.86 -12.64 -14.40
N VAL D 85 1.92 -12.10 -15.17
CA VAL D 85 0.59 -11.81 -14.67
C VAL D 85 -0.25 -13.08 -14.82
N PRO D 86 -0.69 -13.67 -13.68
CA PRO D 86 -1.34 -14.97 -13.73
C PRO D 86 -2.77 -14.92 -14.26
N GLU D 87 -3.14 -15.94 -15.04
CA GLU D 87 -4.53 -16.13 -15.46
C GLU D 87 -5.32 -16.80 -14.34
N GLU D 88 -4.73 -17.86 -13.76
CA GLU D 88 -5.31 -18.56 -12.63
C GLU D 88 -4.49 -18.33 -11.36
N HIS D 89 -5.18 -17.90 -10.31
CA HIS D 89 -4.56 -17.51 -9.05
C HIS D 89 -4.67 -18.61 -8.03
N HIS D 90 -3.54 -18.94 -7.40
CA HIS D 90 -3.49 -20.02 -6.42
C HIS D 90 -2.99 -19.52 -5.09
N ASP D 91 -3.30 -20.26 -4.03
CA ASP D 91 -2.62 -20.11 -2.74
C ASP D 91 -1.14 -20.49 -2.94
N HIS D 92 -0.24 -19.92 -2.14
CA HIS D 92 1.19 -20.21 -2.27
C HIS D 92 1.85 -20.51 -0.96
N LEU D 93 2.70 -21.54 -0.97
CA LEU D 93 3.55 -21.81 0.16
C LEU D 93 4.96 -21.45 -0.28
N ILE D 94 5.58 -20.49 0.42
CA ILE D 94 6.92 -20.02 0.10
C ILE D 94 7.97 -20.75 0.94
N ASP D 95 8.90 -21.41 0.26
CA ASP D 95 10.07 -22.00 0.89
C ASP D 95 11.10 -20.89 1.03
N LEU D 96 11.13 -20.25 2.19
CA LEU D 96 11.98 -19.07 2.41
C LEU D 96 13.46 -19.36 2.20
N LYS D 97 13.90 -20.53 2.65
CA LYS D 97 15.29 -20.93 2.53
C LYS D 97 15.77 -21.02 1.08
N THR D 98 14.88 -21.40 0.16
CA THR D 98 15.26 -21.52 -1.25
C THR D 98 14.63 -20.48 -2.17
N GLY D 99 13.76 -19.61 -1.63
CA GLY D 99 13.09 -18.58 -2.42
C GLY D 99 12.24 -19.13 -3.54
N THR D 100 11.61 -20.28 -3.25
CA THR D 100 10.79 -21.03 -4.21
C THR D 100 9.34 -21.06 -3.76
N VAL D 101 8.42 -21.03 -4.74
CA VAL D 101 6.98 -21.10 -4.46
C VAL D 101 6.41 -22.50 -4.73
N ILE D 102 5.56 -22.95 -3.81
CA ILE D 102 4.85 -24.22 -3.96
C ILE D 102 3.35 -23.90 -4.04
N GLU D 103 2.72 -24.31 -5.14
CA GLU D 103 1.28 -24.14 -5.32
C GLU D 103 0.53 -25.11 -4.41
N PHE D 104 -0.58 -24.67 -3.83
CA PHE D 104 -1.44 -25.60 -3.12
C PHE D 104 -2.89 -25.14 -3.20
N ARG D 105 -3.81 -26.06 -2.88
CA ARG D 105 -5.23 -25.76 -2.77
C ARG D 105 -5.74 -26.40 -1.49
N SER D 106 -6.70 -25.75 -0.83
CA SER D 106 -7.30 -26.34 0.36
C SER D 106 -8.79 -26.01 0.42
N PRO D 107 -9.61 -26.86 -0.20
CA PRO D 107 -11.05 -26.67 -0.08
C PRO D 107 -11.49 -26.58 1.38
N GLU D 108 -10.80 -27.27 2.28
CA GLU D 108 -11.14 -27.16 3.70
C GLU D 108 -10.96 -25.73 4.25
N ILE D 109 -9.83 -25.10 3.95
CA ILE D 109 -9.64 -23.70 4.38
C ILE D 109 -10.62 -22.76 3.66
N GLU D 110 -10.87 -23.01 2.37
CA GLU D 110 -11.80 -22.20 1.58
CA GLU D 110 -11.79 -22.17 1.62
C GLU D 110 -13.20 -22.17 2.21
N ALA D 111 -13.66 -23.32 2.67
CA ALA D 111 -14.96 -23.40 3.35
C ALA D 111 -14.98 -22.67 4.70
N LEU D 112 -13.88 -22.72 5.44
CA LEU D 112 -13.78 -21.93 6.66
C LEU D 112 -13.80 -20.44 6.35
N GLN D 113 -13.12 -20.03 5.28
CA GLN D 113 -13.10 -18.64 4.85
C GLN D 113 -14.50 -18.15 4.51
N GLU D 114 -15.28 -19.00 3.82
CA GLU D 114 -16.67 -18.70 3.50
C GLU D 114 -17.50 -18.47 4.76
N ARG D 115 -17.30 -19.32 5.76
CA ARG D 115 -18.03 -19.20 7.02
C ARG D 115 -17.65 -17.90 7.75
N ILE D 116 -16.35 -17.59 7.80
CA ILE D 116 -15.89 -16.35 8.42
C ILE D 116 -16.49 -15.13 7.74
N ALA D 117 -16.36 -15.06 6.41
CA ALA D 117 -16.94 -13.96 5.64
C ALA D 117 -18.44 -13.80 5.93
N ARG D 118 -19.17 -14.91 5.87
CA ARG D 118 -20.63 -14.92 6.10
C ARG D 118 -21.01 -14.41 7.49
N GLU D 119 -20.30 -14.87 8.51
CA GLU D 119 -20.55 -14.40 9.88
C GLU D 119 -20.35 -12.89 10.03
N HIS D 120 -19.54 -12.31 9.13
CA HIS D 120 -19.27 -10.88 9.15
C HIS D 120 -20.12 -10.08 8.20
N GLY D 121 -21.05 -10.73 7.51
CA GLY D 121 -22.00 -10.05 6.62
C GLY D 121 -21.72 -10.16 5.13
N PHE D 122 -20.86 -11.10 4.74
CA PHE D 122 -20.32 -11.11 3.38
C PHE D 122 -20.33 -12.46 2.69
N ARG D 123 -20.60 -12.40 1.39
CA ARG D 123 -20.41 -13.51 0.49
C ARG D 123 -18.97 -13.43 -0.03
N LEU D 124 -18.22 -14.50 0.20
CA LEU D 124 -16.84 -14.57 -0.25
C LEU D 124 -16.76 -14.70 -1.78
N VAL D 125 -16.08 -13.77 -2.44
CA VAL D 125 -15.90 -13.85 -3.89
C VAL D 125 -14.47 -14.12 -4.37
N ASP D 126 -13.49 -13.95 -3.49
CA ASP D 126 -12.08 -14.16 -3.86
C ASP D 126 -11.24 -14.25 -2.59
N HIS D 127 -10.03 -14.79 -2.71
CA HIS D 127 -9.11 -14.82 -1.58
C HIS D 127 -7.69 -14.91 -2.07
N ARG D 128 -6.75 -14.50 -1.22
CA ARG D 128 -5.32 -14.68 -1.46
CA ARG D 128 -5.32 -14.71 -1.46
C ARG D 128 -4.69 -15.21 -0.18
N LEU D 129 -4.03 -16.36 -0.26
CA LEU D 129 -3.37 -16.92 0.91
C LEU D 129 -1.91 -17.21 0.58
N GLU D 130 -1.00 -16.64 1.36
CA GLU D 130 0.41 -16.99 1.27
C GLU D 130 0.90 -17.52 2.61
N LEU D 131 1.61 -18.65 2.55
CA LEU D 131 2.20 -19.27 3.74
C LEU D 131 3.72 -19.19 3.59
N TYR D 132 4.42 -18.93 4.69
CA TYR D 132 5.88 -18.80 4.65
C TYR D 132 6.45 -19.84 5.58
N GLY D 133 7.29 -20.72 5.03
CA GLY D 133 7.79 -21.85 5.81
C GLY D 133 9.30 -21.96 5.82
N VAL D 134 9.82 -22.54 6.89
CA VAL D 134 11.23 -22.96 6.96
C VAL D 134 11.27 -24.49 7.12
N PRO D 135 12.38 -25.14 6.71
CA PRO D 135 12.42 -26.61 6.86
C PRO D 135 12.23 -27.05 8.30
N LEU D 136 11.56 -28.19 8.49
CA LEU D 136 11.13 -28.66 9.82
C LEU D 136 12.25 -28.91 10.85
N THR E 6 -9.10 3.49 -26.76
CA THR E 6 -9.74 3.38 -25.42
C THR E 6 -9.74 1.94 -24.93
N LEU E 7 -10.02 1.77 -23.64
CA LEU E 7 -10.10 0.46 -22.99
C LEU E 7 -11.14 -0.44 -23.65
N GLU E 8 -12.26 0.15 -24.05
CA GLU E 8 -13.34 -0.56 -24.74
C GLU E 8 -12.86 -1.11 -26.08
N GLU E 9 -12.16 -0.29 -26.85
CA GLU E 9 -11.60 -0.68 -28.15
C GLU E 9 -10.56 -1.78 -27.98
N LEU E 10 -9.69 -1.63 -26.98
CA LEU E 10 -8.63 -2.59 -26.71
C LEU E 10 -9.18 -3.96 -26.30
N ALA E 11 -10.28 -3.95 -25.56
CA ALA E 11 -10.96 -5.19 -25.17
C ALA E 11 -11.50 -5.92 -26.39
N THR E 12 -12.12 -5.16 -27.30
CA THR E 12 -12.67 -5.67 -28.55
C THR E 12 -11.58 -6.27 -29.43
N GLU E 13 -10.45 -5.55 -29.53
CA GLU E 13 -9.29 -5.99 -30.31
C GLU E 13 -8.71 -7.29 -29.77
N ARG E 14 -8.73 -7.45 -28.45
CA ARG E 14 -8.28 -8.68 -27.79
C ARG E 14 -9.23 -9.85 -28.03
N GLY E 15 -10.45 -9.55 -28.49
CA GLY E 15 -11.46 -10.57 -28.79
C GLY E 15 -12.25 -10.99 -27.57
N MET E 16 -12.47 -10.04 -26.66
CA MET E 16 -13.20 -10.26 -25.40
CA MET E 16 -13.21 -10.31 -25.42
C MET E 16 -14.71 -10.12 -25.62
N ARG E 17 -15.49 -10.99 -24.99
CA ARG E 17 -16.96 -10.91 -25.04
C ARG E 17 -17.42 -9.57 -24.46
N MET E 18 -18.14 -8.80 -25.27
CA MET E 18 -18.43 -7.40 -24.98
C MET E 18 -19.89 -7.11 -24.61
N THR E 19 -20.26 -7.41 -23.37
CA THR E 19 -21.63 -7.13 -22.91
C THR E 19 -21.82 -5.64 -22.58
N GLU E 20 -23.07 -5.21 -22.47
CA GLU E 20 -23.41 -3.81 -22.18
C GLU E 20 -22.79 -3.33 -20.86
N GLN E 21 -22.90 -4.16 -19.83
CA GLN E 21 -22.37 -3.80 -18.50
C GLN E 21 -20.84 -3.69 -18.52
N ARG E 22 -20.18 -4.57 -19.26
CA ARG E 22 -18.72 -4.53 -19.38
C ARG E 22 -18.23 -3.25 -20.06
N ARG E 23 -18.98 -2.79 -21.06
CA ARG E 23 -18.68 -1.53 -21.74
C ARG E 23 -18.84 -0.32 -20.82
N VAL E 24 -19.89 -0.33 -20.02
CA VAL E 24 -20.15 0.72 -19.02
C VAL E 24 -18.96 0.83 -18.07
N ILE E 25 -18.53 -0.32 -17.54
CA ILE E 25 -17.39 -0.37 -16.63
C ILE E 25 -16.08 0.02 -17.33
N ALA E 26 -15.91 -0.44 -18.57
CA ALA E 26 -14.77 -0.06 -19.39
C ALA E 26 -14.70 1.45 -19.57
N ARG E 27 -15.84 2.06 -19.85
CA ARG E 27 -15.92 3.52 -20.03
C ARG E 27 -15.68 4.27 -18.73
N ILE E 28 -16.27 3.79 -17.63
CA ILE E 28 -16.06 4.38 -16.30
C ILE E 28 -14.57 4.35 -15.94
N LEU E 29 -13.94 3.19 -16.16
CA LEU E 29 -12.53 2.97 -15.84
C LEU E 29 -11.64 3.87 -16.69
N GLU E 30 -11.98 4.00 -17.97
CA GLU E 30 -11.26 4.87 -18.91
C GLU E 30 -11.34 6.36 -18.51
N ASP E 31 -12.53 6.80 -18.12
CA ASP E 31 -12.77 8.20 -17.78
C ASP E 31 -12.34 8.61 -16.38
N SER E 32 -11.90 7.65 -15.57
CA SER E 32 -11.54 7.91 -14.17
C SER E 32 -10.41 8.93 -14.03
N GLU E 33 -10.65 9.96 -13.22
CA GLU E 33 -9.66 10.99 -12.91
C GLU E 33 -8.51 10.37 -12.11
N ASP E 34 -8.88 9.57 -11.11
CA ASP E 34 -7.93 8.89 -10.24
C ASP E 34 -7.64 7.46 -10.71
N HIS E 35 -6.80 6.77 -9.98
CA HIS E 35 -6.63 5.33 -10.12
C HIS E 35 -7.61 4.67 -9.20
N PRO E 36 -8.72 4.16 -9.77
CA PRO E 36 -9.83 3.75 -8.93
C PRO E 36 -9.64 2.39 -8.27
N ASP E 37 -10.39 2.18 -7.18
CA ASP E 37 -10.57 0.87 -6.63
C ASP E 37 -11.95 0.35 -7.04
N VAL E 38 -12.27 -0.88 -6.67
CA VAL E 38 -13.54 -1.48 -7.05
C VAL E 38 -14.75 -0.71 -6.48
N GLU E 39 -14.65 -0.19 -5.26
CA GLU E 39 -15.78 0.56 -4.68
C GLU E 39 -16.13 1.82 -5.47
N GLU E 40 -15.11 2.54 -5.94
CA GLU E 40 -15.31 3.71 -6.81
C GLU E 40 -15.88 3.33 -8.17
N LEU E 41 -15.35 2.27 -8.77
CA LEU E 41 -15.86 1.79 -10.06
C LEU E 41 -17.34 1.41 -9.97
N TYR E 42 -17.72 0.78 -8.86
CA TYR E 42 -19.12 0.41 -8.65
C TYR E 42 -20.01 1.64 -8.45
N ARG E 43 -19.56 2.55 -7.57
CA ARG E 43 -20.32 3.76 -7.26
C ARG E 43 -20.65 4.55 -8.52
N ARG E 44 -19.66 4.67 -9.41
CA ARG E 44 -19.80 5.40 -10.67
C ARG E 44 -20.63 4.64 -11.70
N SER E 45 -20.40 3.33 -11.78
CA SER E 45 -21.09 2.46 -12.75
C SER E 45 -22.58 2.32 -12.48
N VAL E 46 -22.96 2.18 -11.21
CA VAL E 46 -24.38 2.03 -10.86
C VAL E 46 -25.20 3.30 -11.18
N LYS E 47 -24.54 4.46 -11.16
CA LYS E 47 -25.15 5.74 -11.58
C LYS E 47 -25.55 5.74 -13.05
N VAL E 48 -24.77 5.03 -13.87
CA VAL E 48 -25.03 4.92 -15.31
C VAL E 48 -26.06 3.84 -15.59
N ASP E 49 -25.87 2.68 -14.96
CA ASP E 49 -26.75 1.53 -15.14
C ASP E 49 -27.01 0.90 -13.78
N ALA E 50 -28.24 1.08 -13.28
CA ALA E 50 -28.61 0.64 -11.92
C ALA E 50 -28.62 -0.89 -11.73
N LYS E 51 -28.58 -1.63 -12.84
CA LYS E 51 -28.64 -3.09 -12.81
C LYS E 51 -27.29 -3.75 -12.51
N ILE E 52 -26.21 -2.98 -12.64
CA ILE E 52 -24.86 -3.46 -12.37
C ILE E 52 -24.68 -3.76 -10.87
N SER E 53 -24.22 -4.97 -10.56
CA SER E 53 -23.93 -5.37 -9.19
C SER E 53 -22.45 -5.19 -8.85
N ILE E 54 -22.12 -5.15 -7.56
CA ILE E 54 -20.72 -5.10 -7.12
C ILE E 54 -19.94 -6.37 -7.58
N SER E 55 -20.60 -7.53 -7.56
CA SER E 55 -19.99 -8.77 -8.05
C SER E 55 -19.57 -8.68 -9.52
N THR E 56 -20.45 -8.12 -10.35
CA THR E 56 -20.13 -7.92 -11.76
C THR E 56 -18.96 -6.94 -11.93
N VAL E 57 -18.94 -5.86 -11.16
CA VAL E 57 -17.79 -4.94 -11.23
C VAL E 57 -16.50 -5.67 -10.88
N TYR E 58 -16.52 -6.47 -9.81
CA TYR E 58 -15.32 -7.19 -9.41
C TYR E 58 -14.86 -8.18 -10.49
N ARG E 59 -15.81 -8.94 -11.04
CA ARG E 59 -15.50 -9.93 -12.06
C ARG E 59 -14.94 -9.27 -13.31
N THR E 60 -15.56 -8.17 -13.73
CA THR E 60 -15.17 -7.43 -14.93
C THR E 60 -13.75 -6.90 -14.81
N VAL E 61 -13.45 -6.30 -13.65
CA VAL E 61 -12.12 -5.83 -13.33
C VAL E 61 -11.09 -6.97 -13.39
N LYS E 62 -11.42 -8.11 -12.78
CA LYS E 62 -10.56 -9.29 -12.86
C LYS E 62 -10.36 -9.71 -14.31
N LEU E 63 -11.43 -9.64 -15.10
CA LEU E 63 -11.39 -10.00 -16.51
C LEU E 63 -10.51 -9.05 -17.33
N PHE E 64 -10.63 -7.75 -17.05
CA PHE E 64 -9.76 -6.77 -17.72
C PHE E 64 -8.31 -6.99 -17.31
N GLU E 65 -8.10 -7.42 -16.07
CA GLU E 65 -6.76 -7.67 -15.56
C GLU E 65 -6.13 -8.94 -16.13
N ASP E 66 -6.94 -9.97 -16.35
CA ASP E 66 -6.48 -11.22 -16.96
C ASP E 66 -6.07 -10.98 -18.42
N ALA E 67 -6.88 -10.19 -19.12
CA ALA E 67 -6.63 -9.84 -20.51
C ALA E 67 -5.52 -8.82 -20.71
N GLY E 68 -4.94 -8.34 -19.61
CA GLY E 68 -3.78 -7.45 -19.64
C GLY E 68 -4.04 -6.01 -20.05
N ILE E 69 -5.30 -5.57 -19.97
CA ILE E 69 -5.67 -4.21 -20.39
C ILE E 69 -5.74 -3.19 -19.24
N ILE E 70 -5.70 -3.68 -18.01
CA ILE E 70 -5.50 -2.84 -16.83
C ILE E 70 -4.46 -3.49 -15.92
N ALA E 71 -3.75 -2.67 -15.15
CA ALA E 71 -2.78 -3.19 -14.19
C ALA E 71 -3.24 -2.93 -12.77
N ARG E 72 -2.97 -3.89 -11.88
CA ARG E 72 -3.40 -3.82 -10.48
C ARG E 72 -2.24 -3.48 -9.56
N HIS E 73 -2.50 -2.62 -8.57
CA HIS E 73 -1.54 -2.27 -7.54
C HIS E 73 -2.10 -2.67 -6.21
N ASP E 74 -1.38 -3.55 -5.52
CA ASP E 74 -1.83 -4.08 -4.22
C ASP E 74 -1.18 -3.35 -3.06
N PHE E 75 -1.96 -3.13 -2.01
CA PHE E 75 -1.44 -2.56 -0.78
C PHE E 75 -1.31 -3.65 0.26
N ARG E 76 -0.51 -3.37 1.29
CA ARG E 76 -0.22 -4.32 2.37
C ARG E 76 -1.47 -4.89 3.02
N ASP E 77 -2.52 -4.08 3.11
CA ASP E 77 -3.77 -4.53 3.73
C ASP E 77 -4.66 -5.35 2.81
N GLY E 78 -4.22 -5.60 1.58
CA GLY E 78 -4.98 -6.43 0.65
C GLY E 78 -5.87 -5.66 -0.30
N ARG E 79 -5.97 -4.35 -0.12
CA ARG E 79 -6.76 -3.53 -1.04
C ARG E 79 -5.96 -3.19 -2.29
N SER E 80 -6.66 -2.89 -3.37
CA SER E 80 -6.04 -2.73 -4.67
C SER E 80 -6.58 -1.51 -5.39
N ARG E 81 -5.72 -0.87 -6.18
CA ARG E 81 -6.16 0.15 -7.13
C ARG E 81 -5.66 -0.17 -8.53
N TYR E 82 -6.32 0.39 -9.54
CA TYR E 82 -6.14 -0.02 -10.93
C TYR E 82 -5.71 1.12 -11.82
N GLU E 83 -5.07 0.80 -12.93
CA GLU E 83 -4.65 1.81 -13.89
C GLU E 83 -4.71 1.22 -15.30
N THR E 84 -5.01 2.06 -16.29
CA THR E 84 -4.95 1.61 -17.68
C THR E 84 -3.47 1.46 -18.08
N VAL E 85 -3.21 0.53 -19.00
CA VAL E 85 -1.84 0.27 -19.47
C VAL E 85 -1.52 1.22 -20.64
N PRO E 86 -0.53 2.13 -20.43
CA PRO E 86 -0.21 3.11 -21.46
C PRO E 86 0.53 2.51 -22.65
N GLU E 87 -0.03 2.68 -23.85
CA GLU E 87 0.64 2.33 -25.10
C GLU E 87 1.64 3.42 -25.46
N GLU E 88 1.41 4.63 -24.91
CA GLU E 88 2.26 5.79 -25.12
C GLU E 88 2.91 6.21 -23.80
N HIS E 89 4.24 6.18 -23.77
CA HIS E 89 4.99 6.58 -22.59
C HIS E 89 5.33 8.03 -22.66
N HIS E 90 5.09 8.74 -21.56
CA HIS E 90 5.31 10.19 -21.47
C HIS E 90 5.95 10.57 -20.18
N ASP E 91 6.64 11.71 -20.18
CA ASP E 91 7.05 12.38 -18.95
C ASP E 91 5.85 13.14 -18.39
N HIS E 92 5.80 13.29 -17.07
CA HIS E 92 4.61 13.83 -16.41
C HIS E 92 4.93 14.93 -15.44
N LEU E 93 4.06 15.94 -15.44
CA LEU E 93 4.08 17.00 -14.45
C LEU E 93 2.83 16.79 -13.59
N ILE E 94 3.05 16.50 -12.32
CA ILE E 94 1.95 16.22 -11.40
C ILE E 94 1.57 17.49 -10.63
N ASP E 95 0.31 17.85 -10.72
CA ASP E 95 -0.24 18.93 -9.93
C ASP E 95 -0.62 18.31 -8.59
N LEU E 96 0.23 18.49 -7.59
CA LEU E 96 0.03 17.85 -6.28
C LEU E 96 -1.28 18.27 -5.62
N LYS E 97 -1.72 19.49 -5.89
CA LYS E 97 -2.89 20.06 -5.24
C LYS E 97 -4.20 19.47 -5.74
N THR E 98 -4.25 19.10 -7.02
CA THR E 98 -5.45 18.54 -7.62
C THR E 98 -5.28 17.06 -7.94
N GLY E 99 -4.08 16.53 -7.72
CA GLY E 99 -3.78 15.12 -7.97
C GLY E 99 -4.06 14.72 -9.41
N THR E 100 -3.66 15.59 -10.34
CA THR E 100 -3.87 15.38 -11.77
C THR E 100 -2.54 15.48 -12.52
N VAL E 101 -2.51 14.88 -13.71
CA VAL E 101 -1.26 14.72 -14.47
C VAL E 101 -1.29 15.53 -15.77
N ILE E 102 -0.17 16.21 -16.05
CA ILE E 102 0.04 16.90 -17.32
C ILE E 102 1.20 16.20 -18.04
N GLU E 103 0.94 15.69 -19.23
CA GLU E 103 2.01 15.07 -20.04
C GLU E 103 2.81 16.18 -20.71
N PHE E 104 4.11 15.96 -20.84
CA PHE E 104 4.98 16.88 -21.60
C PHE E 104 6.12 16.13 -22.27
N ARG E 105 6.76 16.79 -23.23
CA ARG E 105 7.96 16.27 -23.87
C ARG E 105 8.98 17.40 -23.99
N SER E 106 10.23 17.11 -23.66
CA SER E 106 11.26 18.12 -23.69
C SER E 106 12.50 17.66 -24.45
N PRO E 107 12.56 17.93 -25.76
CA PRO E 107 13.76 17.63 -26.56
C PRO E 107 15.04 18.16 -25.94
N GLU E 108 14.99 19.35 -25.35
CA GLU E 108 16.14 19.92 -24.63
C GLU E 108 16.61 19.05 -23.46
N ILE E 109 15.68 18.58 -22.64
CA ILE E 109 16.05 17.66 -21.55
C ILE E 109 16.57 16.33 -22.12
N GLU E 110 15.89 15.82 -23.15
CA GLU E 110 16.29 14.57 -23.82
C GLU E 110 17.76 14.63 -24.28
N ALA E 111 18.13 15.74 -24.90
CA ALA E 111 19.50 15.96 -25.38
C ALA E 111 20.51 15.91 -24.24
N LEU E 112 20.19 16.58 -23.13
CA LEU E 112 21.05 16.59 -21.96
C LEU E 112 21.15 15.20 -21.32
N GLN E 113 20.03 14.47 -21.32
CA GLN E 113 19.97 13.10 -20.78
C GLN E 113 20.89 12.17 -21.58
N GLU E 114 20.85 12.29 -22.90
CA GLU E 114 21.70 11.47 -23.77
C GLU E 114 23.18 11.78 -23.58
N ARG E 115 23.48 13.05 -23.30
CA ARG E 115 24.85 13.49 -23.07
C ARG E 115 25.41 12.95 -21.75
N ILE E 116 24.58 12.96 -20.70
CA ILE E 116 24.98 12.43 -19.39
C ILE E 116 25.28 10.93 -19.48
N ALA E 117 24.41 10.18 -20.14
CA ALA E 117 24.61 8.76 -20.35
C ALA E 117 25.89 8.48 -21.12
N ARG E 118 26.11 9.21 -22.22
CA ARG E 118 27.32 9.08 -23.03
C ARG E 118 28.59 9.24 -22.20
N GLU E 119 28.63 10.29 -21.38
CA GLU E 119 29.77 10.61 -20.54
C GLU E 119 30.06 9.53 -19.50
N HIS E 120 29.02 8.77 -19.16
CA HIS E 120 29.14 7.65 -18.21
C HIS E 120 29.35 6.33 -18.91
N GLY E 121 29.35 6.34 -20.24
CA GLY E 121 29.63 5.12 -21.01
C GLY E 121 28.42 4.43 -21.62
N PHE E 122 27.32 5.16 -21.76
CA PHE E 122 26.04 4.52 -22.12
C PHE E 122 25.22 5.20 -23.21
N ARG E 123 24.53 4.39 -23.99
CA ARG E 123 23.50 4.85 -24.91
C ARG E 123 22.15 4.74 -24.21
N LEU E 124 21.38 5.83 -24.18
CA LEU E 124 20.02 5.83 -23.60
C LEU E 124 19.04 5.02 -24.43
N VAL E 125 18.32 4.09 -23.79
CA VAL E 125 17.25 3.37 -24.48
C VAL E 125 15.87 3.68 -23.89
N ASP E 126 15.84 4.34 -22.74
CA ASP E 126 14.59 4.71 -22.07
C ASP E 126 14.85 5.71 -20.96
N HIS E 127 13.81 6.40 -20.51
CA HIS E 127 13.90 7.29 -19.37
C HIS E 127 12.54 7.47 -18.77
N ARG E 128 12.49 7.79 -17.49
CA ARG E 128 11.25 8.22 -16.85
C ARG E 128 11.46 9.49 -16.06
N LEU E 129 10.69 10.53 -16.37
CA LEU E 129 10.81 11.79 -15.67
C LEU E 129 9.46 12.19 -15.08
N GLU E 130 9.45 12.38 -13.77
CA GLU E 130 8.27 12.88 -13.06
C GLU E 130 8.61 14.18 -12.36
N LEU E 131 7.77 15.19 -12.58
CA LEU E 131 7.91 16.49 -11.95
C LEU E 131 6.74 16.71 -10.99
N TYR E 132 7.02 17.25 -9.80
CA TYR E 132 5.97 17.46 -8.80
C TYR E 132 5.85 18.93 -8.51
N GLY E 133 4.70 19.49 -8.82
CA GLY E 133 4.52 20.93 -8.72
C GLY E 133 3.39 21.33 -7.80
N VAL E 134 3.52 22.53 -7.24
CA VAL E 134 2.44 23.22 -6.53
C VAL E 134 2.15 24.55 -7.25
N PRO E 135 0.89 25.04 -7.20
CA PRO E 135 0.55 26.31 -7.86
C PRO E 135 1.45 27.45 -7.44
N LEU E 136 1.88 28.27 -8.40
CA LEU E 136 2.71 29.45 -8.11
C LEU E 136 1.94 30.49 -7.30
N LYS E 137 2.68 31.20 -6.44
CA LYS E 137 2.19 32.42 -5.78
C LYS E 137 3.34 33.24 -5.17
S SO4 F . -19.96 16.09 8.14
O1 SO4 F . -19.97 15.57 9.51
O2 SO4 F . -20.75 15.19 7.30
O3 SO4 F . -18.57 16.11 7.64
O4 SO4 F . -20.48 17.46 8.11
S SO4 G . -25.64 16.58 29.84
O1 SO4 G . -24.54 16.05 30.69
O2 SO4 G . -26.12 15.51 28.93
O3 SO4 G . -26.76 17.03 30.70
O4 SO4 G . -25.12 17.73 29.06
S SO4 H . 17.23 -5.70 -8.03
O1 SO4 H . 16.47 -6.24 -6.89
O2 SO4 H . 18.21 -6.71 -8.49
O3 SO4 H . 17.96 -4.49 -7.64
O4 SO4 H . 16.30 -5.35 -9.14
S SO4 I . 18.59 -1.52 -1.29
O1 SO4 I . 19.93 -1.25 -1.86
O2 SO4 I . 18.20 -2.92 -1.56
O3 SO4 I . 18.65 -1.30 0.16
O4 SO4 I . 17.64 -0.55 -1.89
S SO4 J . 4.56 -1.91 -6.21
O1 SO4 J . 5.44 -2.38 -7.30
O2 SO4 J . 3.25 -2.60 -6.33
O3 SO4 J . 4.37 -0.45 -6.31
O4 SO4 J . 5.15 -2.23 -4.89
C1 EDO K . 11.29 -13.16 -6.01
O1 EDO K . 11.24 -12.14 -5.03
C2 EDO K . 12.46 -12.94 -6.91
O2 EDO K . 13.16 -14.18 -6.92
S SO4 L . -16.29 7.69 -6.36
O1 SO4 L . -16.27 6.82 -5.18
O2 SO4 L . -16.90 6.94 -7.49
O3 SO4 L . -17.13 8.88 -6.09
O4 SO4 L . -14.92 8.11 -6.66
C1 EDO M . -11.04 -2.84 -2.33
O1 EDO M . -10.96 -1.70 -1.48
C2 EDO M . -9.62 -3.24 -2.65
O2 EDO M . -9.59 -4.61 -3.04
C1 EDO N . -4.90 7.81 -7.73
O1 EDO N . -5.92 8.74 -8.04
C2 EDO N . -3.62 8.61 -7.72
O2 EDO N . -2.64 7.86 -7.04
#